data_3D23
#
_entry.id   3D23
#
_cell.length_a   91.770
_cell.length_b   91.770
_cell.length_c   187.914
_cell.angle_alpha   90.000
_cell.angle_beta   90.000
_cell.angle_gamma   90.000
#
_symmetry.space_group_name_H-M   'P 41'
#
loop_
_entity.id
_entity.type
_entity.pdbx_description
1 polymer '3C-like proteinase'
2 polymer N-[(5-METHYLISOXAZOL-3-YL)CARBONYL]ALANYL-L-VALYL-N~1~-((1R,2Z)-4-(BENZYLOXY)-4-OXO-1-{[(3R)-2-OXOPYRROLIDIN-3-YL]METHYL}BUT-2-ENYL)-L-LEUCINAMIDE
3 water water
#
loop_
_entity_poly.entity_id
_entity_poly.type
_entity_poly.pdbx_seq_one_letter_code
_entity_poly.pdbx_strand_id
1 'polypeptide(L)'
;ASSGIVKMVSPTSKIEPCIVSVTYGSMTLNGLWLDDKVYCPRHVICSSSNMNEPDYSALLCRVTLGDFTIMSGRMSLTVV
SYQMQGCQLVLTVSLQNPYTPKYTFGNVKPGETFTVLAAYNGRPQGAFHVTMRSSYTIKGSFLCGSCGSVGYVLTGDSVK
FVYMHQLELSTGCHTGTDFTGNFYGPYRDAQVVQLPVKDYVQTVNVIAWLYAAILNNCAWFVQNDVCSTEDFNVWAMANG
FSQVKADLVLDALASMTGVSIETLLAAIKRLYMGFQGRQILGSCTFEDELAPSDVYQQLAGV
;
B,A,C,D
2 'polypeptide(L)' (02J)AVL(PJE)(010) H,F,E,G
#
# COMPACT_ATOMS: atom_id res chain seq x y z
N SER A 2 -21.90 49.41 22.79
CA SER A 2 -21.31 50.49 22.08
C SER A 2 -20.31 49.85 21.13
N SER A 3 -20.23 50.26 19.89
CA SER A 3 -19.12 49.83 19.05
C SER A 3 -19.33 49.03 17.77
N GLY A 4 -20.21 48.05 17.80
CA GLY A 4 -20.67 47.41 16.60
C GLY A 4 -19.83 46.25 16.12
N ILE A 5 -18.79 45.96 16.85
CA ILE A 5 -17.86 44.99 16.42
C ILE A 5 -17.60 43.92 17.42
N VAL A 6 -17.74 42.70 17.02
CA VAL A 6 -17.55 41.57 17.95
C VAL A 6 -16.63 40.52 17.34
N LYS A 7 -16.31 39.49 18.11
CA LYS A 7 -15.69 38.28 17.59
C LYS A 7 -16.79 37.43 17.01
N MET A 8 -17.01 37.57 15.72
CA MET A 8 -18.01 36.82 15.11
C MET A 8 -17.48 35.52 14.53
N VAL A 9 -18.20 34.44 14.78
CA VAL A 9 -17.82 33.12 14.29
C VAL A 9 -18.70 32.83 13.09
N SER A 10 -18.20 32.04 12.14
CA SER A 10 -19.10 31.50 11.11
C SER A 10 -20.03 30.45 11.75
N PRO A 11 -21.27 30.39 11.30
CA PRO A 11 -22.26 29.42 11.84
C PRO A 11 -21.74 27.99 11.68
N THR A 12 -22.20 27.07 12.52
CA THR A 12 -21.45 25.83 12.61
C THR A 12 -22.20 24.67 11.89
N SER A 13 -23.41 24.91 11.39
CA SER A 13 -24.27 23.78 10.97
C SER A 13 -23.69 22.87 9.90
N LYS A 14 -22.88 23.41 9.02
CA LYS A 14 -22.22 22.57 8.01
C LYS A 14 -21.02 21.77 8.49
N ILE A 15 -20.43 22.13 9.65
CA ILE A 15 -19.25 21.45 10.10
C ILE A 15 -19.64 20.41 11.13
N GLU A 16 -20.55 20.77 12.01
CA GLU A 16 -20.91 19.81 13.06
C GLU A 16 -21.19 18.39 12.54
N PRO A 17 -22.02 18.21 11.48
CA PRO A 17 -22.21 16.77 11.17
C PRO A 17 -20.97 16.07 10.59
N CYS A 18 -19.87 16.83 10.42
CA CYS A 18 -18.62 16.22 9.95
C CYS A 18 -17.72 15.76 11.12
N ILE A 19 -18.14 15.97 12.36
CA ILE A 19 -17.24 15.65 13.47
C ILE A 19 -17.52 14.25 14.00
N VAL A 20 -16.45 13.48 14.12
CA VAL A 20 -16.56 12.12 14.56
C VAL A 20 -15.64 11.85 15.73
N SER A 21 -15.83 10.71 16.41
CA SER A 21 -14.82 10.24 17.38
C SER A 21 -13.97 9.15 16.75
N VAL A 22 -12.69 9.14 17.06
CA VAL A 22 -11.79 8.11 16.57
C VAL A 22 -11.15 7.60 17.83
N THR A 23 -11.15 6.30 17.97
CA THR A 23 -10.69 5.67 19.18
C THR A 23 -9.69 4.61 18.77
N TYR A 24 -8.58 4.55 19.48
CA TYR A 24 -7.57 3.55 19.24
C TYR A 24 -7.01 3.16 20.59
N GLY A 25 -7.02 1.88 20.90
CA GLY A 25 -6.57 1.42 22.19
C GLY A 25 -7.47 2.01 23.28
N SER A 26 -6.88 2.68 24.24
CA SER A 26 -7.67 3.30 25.32
C SER A 26 -7.83 4.83 25.12
N MET A 27 -7.63 5.30 23.89
CA MET A 27 -7.48 6.73 23.64
C MET A 27 -8.56 7.18 22.62
N THR A 28 -9.34 8.20 22.98
CA THR A 28 -10.28 8.85 22.06
C THR A 28 -9.95 10.32 21.85
N LEU A 29 -10.11 10.81 20.62
CA LEU A 29 -10.02 12.24 20.29
C LEU A 29 -10.96 12.55 19.11
N ASN A 30 -10.85 13.70 18.42
CA ASN A 30 -11.84 14.05 17.38
C ASN A 30 -11.29 13.98 15.99
N GLY A 31 -12.21 13.81 15.01
CA GLY A 31 -11.75 13.65 13.62
C GLY A 31 -12.70 14.48 12.79
N LEU A 32 -12.32 14.76 11.53
CA LEU A 32 -13.13 15.47 10.61
C LEU A 32 -13.42 14.47 9.45
N TRP A 33 -14.72 14.23 9.20
CA TRP A 33 -15.20 13.27 8.20
C TRP A 33 -15.78 13.93 6.95
N LEU A 34 -15.10 13.75 5.83
CA LEU A 34 -15.46 14.42 4.60
C LEU A 34 -15.35 13.42 3.52
N ASP A 35 -16.30 13.46 2.61
CA ASP A 35 -16.54 12.36 1.69
C ASP A 35 -16.29 11.04 2.45
N ASP A 36 -15.40 10.19 1.93
CA ASP A 36 -15.07 8.95 2.56
C ASP A 36 -13.71 8.95 3.28
N LYS A 37 -13.28 10.17 3.65
CA LYS A 37 -12.11 10.35 4.49
C LYS A 37 -12.42 10.84 5.89
N VAL A 38 -11.69 10.30 6.87
CA VAL A 38 -11.64 10.93 8.17
C VAL A 38 -10.21 11.31 8.56
N TYR A 39 -10.03 12.59 8.92
CA TYR A 39 -8.74 13.18 9.37
C TYR A 39 -8.70 13.34 10.86
N CYS A 40 -7.60 12.96 11.46
CA CYS A 40 -7.43 13.12 12.90
C CYS A 40 -5.94 13.19 13.21
N PRO A 41 -5.60 13.65 14.41
CA PRO A 41 -4.18 13.67 14.77
C PRO A 41 -3.61 12.26 14.83
N ARG A 42 -2.33 12.14 14.50
CA ARG A 42 -1.70 10.83 14.53
C ARG A 42 -1.39 10.30 15.93
N HIS A 43 -1.11 11.18 16.89
CA HIS A 43 -0.92 10.71 18.26
C HIS A 43 -2.08 9.93 18.76
N VAL A 44 -3.10 9.73 17.95
CA VAL A 44 -4.13 8.83 18.43
C VAL A 44 -3.56 7.42 18.65
N ILE A 45 -2.44 7.10 18.00
CA ILE A 45 -1.90 5.75 18.07
C ILE A 45 -0.77 5.60 19.12
N CYS A 46 -0.63 6.62 19.99
CA CYS A 46 0.16 6.53 21.21
C CYS A 46 -0.59 5.79 22.32
N SER A 47 0.15 5.27 23.29
CA SER A 47 -0.40 4.90 24.60
C SER A 47 0.55 5.61 25.53
N SER A 48 0.00 6.35 26.50
CA SER A 48 0.70 7.43 27.24
C SER A 48 2.03 7.20 28.02
N SER A 49 2.73 6.09 27.78
CA SER A 49 4.15 6.00 28.12
C SER A 49 4.99 6.10 26.81
N ASN A 50 4.43 6.87 25.85
CA ASN A 50 5.06 7.34 24.59
C ASN A 50 5.25 8.82 24.71
N MET A 51 4.09 9.51 24.70
CA MET A 51 3.94 10.96 24.78
C MET A 51 5.08 11.50 25.62
N ASN A 52 5.92 12.28 24.93
N ASN A 52 5.92 12.31 24.97
CA ASN A 52 7.24 12.77 25.38
CA ASN A 52 7.26 12.64 25.44
C ASN A 52 8.18 12.66 24.20
C ASN A 52 8.04 12.65 24.16
N GLU A 53 8.35 11.46 23.66
CA GLU A 53 9.02 11.35 22.37
C GLU A 53 8.59 10.11 21.56
N PRO A 54 7.40 10.18 20.94
CA PRO A 54 6.95 9.02 20.18
C PRO A 54 7.76 8.77 18.90
N ASP A 55 8.06 7.50 18.69
CA ASP A 55 8.62 6.99 17.44
C ASP A 55 7.39 6.48 16.69
N TYR A 56 6.84 7.36 15.87
CA TYR A 56 5.55 7.11 15.24
C TYR A 56 5.58 5.97 14.18
N SER A 57 6.67 5.87 13.41
CA SER A 57 6.78 4.81 12.39
C SER A 57 6.66 3.41 13.00
N ALA A 58 7.35 3.19 14.11
CA ALA A 58 7.22 1.95 14.91
C ALA A 58 5.82 1.75 15.50
N LEU A 59 5.20 2.86 15.91
CA LEU A 59 3.83 2.80 16.40
C LEU A 59 2.91 2.33 15.31
N LEU A 60 3.12 2.89 14.12
CA LEU A 60 2.36 2.54 12.94
C LEU A 60 2.31 1.04 12.67
N CYS A 61 3.47 0.38 12.78
CA CYS A 61 3.62 -1.09 12.63
C CYS A 61 2.65 -1.94 13.48
N ARG A 62 2.36 -1.51 14.70
CA ARG A 62 1.45 -2.21 15.60
C ARG A 62 -0.02 -1.88 15.28
N VAL A 63 -0.23 -0.90 14.40
CA VAL A 63 -1.57 -0.58 13.96
C VAL A 63 -2.05 -1.64 12.99
N THR A 64 -3.21 -2.20 13.29
CA THR A 64 -3.90 -3.00 12.31
C THR A 64 -5.27 -2.34 12.08
N LEU A 65 -6.04 -2.92 11.19
CA LEU A 65 -7.21 -2.30 10.62
C LEU A 65 -8.46 -2.15 11.54
N GLY A 66 -8.90 -3.22 12.17
CA GLY A 66 -10.08 -3.12 13.02
C GLY A 66 -9.71 -2.55 14.37
N ASP A 67 -8.48 -2.05 14.50
CA ASP A 67 -8.05 -1.31 15.69
C ASP A 67 -8.73 0.09 15.84
N PHE A 68 -9.31 0.61 14.77
CA PHE A 68 -9.92 1.90 14.84
C PHE A 68 -11.44 1.77 15.04
N THR A 69 -11.98 2.48 16.03
CA THR A 69 -13.42 2.72 16.13
C THR A 69 -13.68 4.18 15.85
N ILE A 70 -14.52 4.43 14.88
CA ILE A 70 -14.85 5.78 14.48
C ILE A 70 -16.35 5.94 14.56
N MET A 71 -16.81 6.84 15.42
CA MET A 71 -18.26 7.07 15.61
C MET A 71 -18.72 8.38 15.08
N SER A 72 -19.80 8.35 14.31
CA SER A 72 -20.60 9.53 13.99
C SER A 72 -21.91 9.37 14.71
N GLY A 73 -22.08 10.10 15.81
CA GLY A 73 -23.22 9.85 16.71
C GLY A 73 -23.14 8.39 17.14
N ARG A 74 -24.14 7.58 16.84
CA ARG A 74 -24.17 6.21 17.29
C ARG A 74 -23.70 5.21 16.21
N MET A 75 -23.45 5.72 15.00
CA MET A 75 -23.09 4.94 13.81
C MET A 75 -21.58 4.70 13.71
N SER A 76 -21.21 3.42 13.66
CA SER A 76 -19.83 3.02 13.65
C SER A 76 -19.33 2.94 12.21
N LEU A 77 -18.28 3.67 11.87
CA LEU A 77 -17.73 3.63 10.51
C LEU A 77 -16.64 2.58 10.33
N THR A 78 -16.62 1.92 9.17
CA THR A 78 -15.56 0.94 8.99
C THR A 78 -14.43 1.55 8.19
N VAL A 79 -13.26 1.46 8.78
CA VAL A 79 -12.08 1.92 8.10
C VAL A 79 -11.55 0.88 7.18
N VAL A 80 -11.22 1.35 5.97
CA VAL A 80 -10.84 0.52 4.84
C VAL A 80 -9.36 0.75 4.54
N SER A 81 -8.84 1.92 4.95
CA SER A 81 -7.37 2.11 4.95
C SER A 81 -6.86 3.22 5.85
N TYR A 82 -5.63 3.06 6.31
CA TYR A 82 -4.97 4.11 7.05
C TYR A 82 -3.63 4.51 6.45
N GLN A 83 -3.34 5.80 6.40
CA GLN A 83 -1.98 6.20 6.15
C GLN A 83 -1.61 7.41 7.00
N MET A 84 -0.34 7.50 7.36
CA MET A 84 0.13 8.63 8.09
C MET A 84 0.60 9.66 7.10
N GLN A 85 0.15 10.90 7.23
CA GLN A 85 0.68 11.97 6.41
C GLN A 85 1.04 13.20 7.31
N GLY A 86 2.35 13.46 7.48
CA GLY A 86 2.82 14.41 8.45
C GLY A 86 2.41 13.96 9.85
N CYS A 87 1.73 14.85 10.58
CA CYS A 87 1.25 14.52 11.90
C CYS A 87 -0.26 14.22 12.03
N GLN A 88 -0.82 13.67 10.93
CA GLN A 88 -2.23 13.31 10.88
C GLN A 88 -2.39 11.89 10.25
N LEU A 89 -3.49 11.22 10.59
CA LEU A 89 -3.86 10.01 9.92
C LEU A 89 -4.96 10.42 8.98
N VAL A 90 -4.93 9.83 7.78
CA VAL A 90 -6.04 9.86 6.87
C VAL A 90 -6.54 8.43 6.89
N LEU A 91 -7.75 8.27 7.45
CA LEU A 91 -8.43 6.99 7.54
C LEU A 91 -9.56 6.93 6.48
N THR A 92 -9.38 6.10 5.44
CA THR A 92 -10.48 5.95 4.44
C THR A 92 -11.54 5.03 4.99
N VAL A 93 -12.81 5.35 4.79
CA VAL A 93 -13.82 4.55 5.44
C VAL A 93 -14.72 4.02 4.39
N SER A 94 -15.67 3.17 4.80
CA SER A 94 -16.44 2.46 3.79
C SER A 94 -17.55 3.37 3.31
N LEU A 95 -17.75 4.50 4.01
CA LEU A 95 -18.97 5.28 3.79
C LEU A 95 -18.76 6.75 3.43
N GLN A 96 -19.54 7.23 2.46
CA GLN A 96 -19.54 8.61 2.10
C GLN A 96 -20.46 9.38 3.03
N ASN A 97 -19.91 10.46 3.59
CA ASN A 97 -20.61 11.27 4.57
C ASN A 97 -21.66 12.04 3.83
N PRO A 98 -22.93 11.70 4.09
CA PRO A 98 -23.91 12.41 3.26
C PRO A 98 -23.96 13.89 3.58
N TYR A 99 -23.39 14.33 4.68
CA TYR A 99 -23.43 15.79 4.94
C TYR A 99 -22.24 16.58 4.43
N THR A 100 -21.33 15.95 3.67
CA THR A 100 -20.12 16.60 3.23
C THR A 100 -20.47 17.90 2.54
N PRO A 101 -19.88 19.00 3.00
CA PRO A 101 -20.07 20.25 2.29
C PRO A 101 -19.09 20.47 1.14
N LYS A 102 -19.42 21.36 0.21
CA LYS A 102 -18.43 22.08 -0.59
C LYS A 102 -17.27 22.41 0.33
N TYR A 103 -16.06 21.98 -0.02
CA TYR A 103 -14.96 22.43 0.80
C TYR A 103 -13.65 22.52 0.08
N THR A 104 -12.68 23.13 0.76
CA THR A 104 -11.31 23.08 0.34
C THR A 104 -10.41 22.96 1.57
N PHE A 105 -9.17 22.55 1.34
CA PHE A 105 -8.16 22.69 2.36
C PHE A 105 -7.26 23.88 2.05
N GLY A 106 -6.95 24.68 3.06
CA GLY A 106 -6.02 25.81 2.93
C GLY A 106 -5.20 26.08 4.16
N ASN A 107 -4.55 27.24 4.14
CA ASN A 107 -3.61 27.69 5.18
C ASN A 107 -3.95 29.08 5.66
N VAL A 108 -3.61 29.38 6.90
CA VAL A 108 -3.81 30.71 7.41
C VAL A 108 -2.44 31.31 7.65
N LYS A 109 -2.23 32.51 7.11
CA LYS A 109 -1.03 33.35 7.39
C LYS A 109 -1.24 34.09 8.73
N PRO A 110 -0.15 34.45 9.43
CA PRO A 110 -0.38 35.21 10.67
C PRO A 110 -1.26 36.44 10.47
N GLY A 111 -2.09 36.76 11.44
CA GLY A 111 -3.05 37.86 11.27
C GLY A 111 -4.42 37.45 10.73
N GLU A 112 -4.46 36.43 9.88
CA GLU A 112 -5.75 35.91 9.46
C GLU A 112 -6.49 35.21 10.61
N THR A 113 -7.82 35.34 10.56
CA THR A 113 -8.68 34.78 11.59
C THR A 113 -9.58 33.64 11.06
N PHE A 114 -10.06 32.76 11.93
CA PHE A 114 -11.01 31.75 11.52
C PHE A 114 -11.73 31.28 12.76
N THR A 115 -12.69 30.43 12.56
CA THR A 115 -13.43 29.91 13.65
C THR A 115 -12.91 28.55 14.08
N VAL A 116 -12.88 28.30 15.37
CA VAL A 116 -12.62 26.97 15.85
C VAL A 116 -13.88 26.34 16.41
N LEU A 117 -14.14 25.09 16.01
CA LEU A 117 -15.25 24.32 16.56
C LEU A 117 -14.68 23.32 17.54
N ALA A 118 -14.80 23.64 18.81
CA ALA A 118 -14.26 22.80 19.81
C ALA A 118 -15.18 21.62 19.98
N ALA A 119 -14.60 20.41 19.98
CA ALA A 119 -15.33 19.14 20.18
C ALA A 119 -14.61 18.21 21.16
N TYR A 120 -15.40 17.38 21.85
CA TYR A 120 -14.88 16.31 22.78
C TYR A 120 -15.62 15.03 22.49
N ASN A 121 -14.90 13.93 22.26
CA ASN A 121 -15.58 12.68 22.02
C ASN A 121 -16.45 12.74 20.76
N GLY A 122 -16.13 13.64 19.81
CA GLY A 122 -16.91 13.59 18.55
C GLY A 122 -18.11 14.53 18.64
N ARG A 123 -18.31 15.08 19.83
CA ARG A 123 -19.47 15.89 20.08
C ARG A 123 -18.99 17.34 20.21
N PRO A 124 -19.38 18.22 19.26
CA PRO A 124 -19.08 19.68 19.27
C PRO A 124 -19.61 20.39 20.51
N GLN A 125 -18.84 21.36 21.03
CA GLN A 125 -19.28 22.03 22.21
C GLN A 125 -19.49 23.53 22.11
N GLY A 126 -18.69 24.19 21.30
CA GLY A 126 -18.80 25.61 21.15
C GLY A 126 -17.87 26.09 20.07
N ALA A 127 -18.10 27.29 19.58
CA ALA A 127 -17.18 27.84 18.59
C ALA A 127 -16.62 29.19 19.07
N PHE A 128 -15.42 29.51 18.62
CA PHE A 128 -14.80 30.77 18.97
C PHE A 128 -13.89 31.29 17.87
N HIS A 129 -13.77 32.62 17.81
CA HIS A 129 -12.91 33.35 16.87
C HIS A 129 -11.44 33.34 17.35
N VAL A 130 -10.46 33.19 16.44
CA VAL A 130 -9.06 33.19 16.85
C VAL A 130 -8.29 33.86 15.74
N THR A 131 -7.16 34.47 16.10
CA THR A 131 -6.21 35.02 15.16
C THR A 131 -4.93 34.14 15.08
N MET A 132 -4.50 33.71 13.89
CA MET A 132 -3.15 33.07 13.80
C MET A 132 -2.16 34.13 14.19
N ARG A 133 -1.29 33.83 15.15
CA ARG A 133 -0.26 34.80 15.59
C ARG A 133 0.98 34.62 14.76
N SER A 134 1.90 35.57 14.82
CA SER A 134 3.26 35.41 14.29
C SER A 134 3.97 34.24 14.90
N SER A 135 3.64 33.92 16.14
CA SER A 135 4.20 32.72 16.78
C SER A 135 3.69 31.43 16.11
N TYR A 136 2.66 31.57 15.26
CA TYR A 136 2.07 30.41 14.57
C TYR A 136 1.38 29.59 15.59
N THR A 137 0.78 30.30 16.54
CA THR A 137 -0.07 29.76 17.58
C THR A 137 -1.36 30.55 17.59
N ILE A 138 -2.35 30.02 18.28
CA ILE A 138 -3.62 30.73 18.50
C ILE A 138 -3.96 30.70 19.99
N LYS A 139 -4.85 31.58 20.40
CA LYS A 139 -5.23 31.68 21.78
C LYS A 139 -6.59 31.03 21.85
N GLY A 140 -6.62 29.75 22.13
CA GLY A 140 -7.88 29.09 22.21
C GLY A 140 -8.27 28.70 23.62
N SER A 141 -9.18 27.75 23.69
CA SER A 141 -9.72 27.29 24.95
C SER A 141 -9.96 25.83 24.73
N PHE A 142 -8.98 25.02 25.14
CA PHE A 142 -9.00 23.57 24.84
C PHE A 142 -8.60 22.83 26.12
N LEU A 143 -9.43 21.85 26.49
CA LEU A 143 -9.07 20.91 27.52
C LEU A 143 -8.55 19.62 26.91
N CYS A 144 -8.34 18.63 27.79
CA CYS A 144 -8.19 17.26 27.40
C CYS A 144 -9.32 16.74 26.57
N GLY A 145 -8.93 16.01 25.53
CA GLY A 145 -9.83 15.35 24.60
C GLY A 145 -10.25 16.23 23.44
N SER A 146 -9.72 17.44 23.37
CA SER A 146 -10.08 18.40 22.31
C SER A 146 -9.36 18.20 21.01
N CYS A 147 -8.33 17.37 21.01
CA CYS A 147 -7.53 17.28 19.80
C CYS A 147 -8.34 16.72 18.66
N GLY A 148 -8.06 17.24 17.48
CA GLY A 148 -8.91 16.97 16.34
C GLY A 148 -9.99 18.01 16.10
N SER A 149 -10.34 18.87 17.09
CA SER A 149 -11.12 20.04 16.82
C SER A 149 -10.56 20.79 15.60
N VAL A 150 -11.45 21.41 14.82
CA VAL A 150 -11.16 21.96 13.50
C VAL A 150 -11.41 23.48 13.42
N GLY A 151 -10.54 24.18 12.72
CA GLY A 151 -10.74 25.57 12.53
C GLY A 151 -11.00 25.72 11.06
N TYR A 152 -11.85 26.70 10.71
CA TYR A 152 -12.39 26.83 9.36
C TYR A 152 -12.76 28.29 9.07
N VAL A 153 -12.91 28.58 7.78
CA VAL A 153 -13.50 29.81 7.23
C VAL A 153 -14.63 29.51 6.24
N LEU A 154 -15.77 30.17 6.41
CA LEU A 154 -16.84 30.18 5.42
C LEU A 154 -16.64 31.21 4.26
N THR A 155 -17.56 31.14 3.31
CA THR A 155 -17.44 31.74 1.99
C THR A 155 -18.83 31.53 1.41
N GLY A 156 -19.82 32.04 2.18
CA GLY A 156 -21.20 31.71 1.95
C GLY A 156 -21.36 30.21 2.07
N ASP A 157 -21.41 29.55 0.92
CA ASP A 157 -21.73 28.12 0.82
C ASP A 157 -20.51 27.14 1.00
N SER A 158 -19.29 27.63 0.76
CA SER A 158 -18.12 26.77 0.72
C SER A 158 -17.27 26.86 1.98
N VAL A 159 -16.77 25.72 2.50
CA VAL A 159 -15.93 25.72 3.72
C VAL A 159 -14.46 25.50 3.40
N LYS A 160 -13.60 26.40 3.89
CA LYS A 160 -12.18 26.21 3.83
C LYS A 160 -11.69 25.78 5.23
N PHE A 161 -11.18 24.55 5.31
CA PHE A 161 -10.67 24.00 6.55
C PHE A 161 -9.16 24.32 6.66
N VAL A 162 -8.73 24.85 7.83
CA VAL A 162 -7.38 25.40 7.92
C VAL A 162 -6.62 24.95 9.16
N TYR A 163 -7.28 24.18 10.05
CA TYR A 163 -6.61 23.87 11.29
C TYR A 163 -7.20 22.67 11.98
N MET A 164 -6.32 21.88 12.62
CA MET A 164 -6.66 20.70 13.39
C MET A 164 -5.90 20.82 14.66
N HIS A 165 -6.58 20.93 15.82
CA HIS A 165 -5.87 21.17 17.10
C HIS A 165 -5.12 19.92 17.63
N GLN A 166 -3.90 20.17 18.13
CA GLN A 166 -3.00 19.12 18.57
C GLN A 166 -2.28 19.37 19.86
N LEU A 167 -1.90 20.62 20.07
CA LEU A 167 -0.80 20.97 20.95
C LEU A 167 -1.05 22.22 21.75
N GLU A 168 -0.75 22.13 23.04
CA GLU A 168 -0.64 23.31 23.89
C GLU A 168 0.81 23.58 24.25
N LEU A 169 1.34 24.72 23.82
CA LEU A 169 2.72 25.08 24.13
C LEU A 169 2.95 25.48 25.56
N SER A 170 1.96 26.14 26.14
CA SER A 170 2.06 26.74 27.46
C SER A 170 0.64 27.23 27.77
N THR A 171 0.37 27.49 29.05
CA THR A 171 -0.98 27.89 29.51
C THR A 171 -1.67 28.87 28.54
N GLY A 172 -2.74 28.37 27.90
CA GLY A 172 -3.55 29.17 26.99
C GLY A 172 -2.92 29.48 25.65
N CYS A 173 -1.84 28.76 25.26
CA CYS A 173 -1.15 28.98 23.98
C CYS A 173 -1.17 27.74 23.04
N HIS A 174 -1.81 27.87 21.86
CA HIS A 174 -2.21 26.66 21.11
C HIS A 174 -1.73 26.52 19.69
N THR A 175 -1.38 25.30 19.27
CA THR A 175 -1.08 25.13 17.87
C THR A 175 -1.55 23.76 17.40
N GLY A 176 -1.39 23.54 16.10
CA GLY A 176 -1.86 22.37 15.38
C GLY A 176 -1.47 22.37 13.92
N THR A 177 -2.10 21.43 13.19
CA THR A 177 -1.67 21.12 11.83
C THR A 177 -2.68 21.61 10.84
N ASP A 178 -2.23 21.72 9.60
CA ASP A 178 -3.15 21.83 8.52
C ASP A 178 -3.55 20.45 8.01
N PHE A 179 -4.29 20.42 6.90
CA PHE A 179 -4.86 19.17 6.41
C PHE A 179 -4.01 18.43 5.41
N THR A 180 -2.78 18.90 5.27
CA THR A 180 -1.74 18.09 4.68
C THR A 180 -1.05 17.43 5.85
N GLY A 181 -1.44 17.76 7.07
CA GLY A 181 -0.91 17.06 8.25
C GLY A 181 0.37 17.73 8.70
N ASN A 182 0.50 18.98 8.32
CA ASN A 182 1.73 19.71 8.51
C ASN A 182 1.62 20.81 9.58
N PHE A 183 2.38 20.71 10.68
CA PHE A 183 2.32 21.75 11.74
C PHE A 183 2.57 23.17 11.25
N TYR A 184 1.86 24.10 11.87
CA TYR A 184 2.08 25.52 11.62
C TYR A 184 3.31 25.86 12.40
N GLY A 185 4.14 26.76 11.86
CA GLY A 185 5.38 27.17 12.48
C GLY A 185 6.28 25.99 12.65
N PRO A 186 7.18 26.06 13.60
CA PRO A 186 8.15 24.95 13.60
C PRO A 186 7.79 23.80 14.56
N TYR A 187 6.57 23.78 15.12
CA TYR A 187 6.27 22.83 16.19
C TYR A 187 6.05 21.42 15.66
N ARG A 188 5.93 20.47 16.59
CA ARG A 188 5.72 19.07 16.24
C ARG A 188 5.06 18.35 17.40
N ASP A 189 4.57 17.14 17.16
CA ASP A 189 3.77 16.44 18.14
C ASP A 189 4.53 15.63 19.18
N ALA A 190 5.24 16.32 20.05
CA ALA A 190 5.98 15.62 21.06
C ALA A 190 5.89 16.42 22.34
N GLN A 191 5.82 15.72 23.46
CA GLN A 191 5.67 16.41 24.70
C GLN A 191 7.02 16.75 25.28
N VAL A 192 7.71 17.67 24.64
CA VAL A 192 9.00 18.20 25.11
C VAL A 192 8.96 19.72 25.07
N VAL A 193 10.03 20.36 25.56
CA VAL A 193 10.11 21.81 25.50
C VAL A 193 10.12 22.26 24.06
N GLN A 194 9.11 23.04 23.72
CA GLN A 194 8.99 23.71 22.47
C GLN A 194 8.62 25.14 22.85
N LEU A 195 9.64 25.98 22.77
CA LEU A 195 9.59 27.40 23.08
C LEU A 195 9.06 28.17 21.85
N PRO A 196 7.98 28.96 22.04
CA PRO A 196 7.34 29.58 20.87
C PRO A 196 8.17 30.67 20.24
N VAL A 197 8.26 30.64 18.91
CA VAL A 197 8.70 31.78 18.10
C VAL A 197 8.19 33.08 18.73
N LYS A 198 9.01 34.14 18.62
CA LYS A 198 8.60 35.44 19.17
C LYS A 198 7.45 36.04 18.32
N ASP A 199 6.48 36.60 19.10
CA ASP A 199 5.21 37.02 18.57
C ASP A 199 5.12 38.52 18.39
N TYR A 200 4.59 38.95 17.24
CA TYR A 200 4.47 40.36 16.89
C TYR A 200 3.03 40.83 16.99
N VAL A 201 2.86 42.12 17.27
CA VAL A 201 1.59 42.81 17.11
C VAL A 201 1.30 42.76 15.61
N GLN A 202 0.07 42.33 15.26
CA GLN A 202 -0.36 42.26 13.87
C GLN A 202 -0.83 43.64 13.43
N THR A 203 -0.04 44.25 12.55
CA THR A 203 -0.07 45.69 12.36
C THR A 203 -1.32 46.10 11.62
N VAL A 204 -1.56 45.43 10.50
CA VAL A 204 -2.78 45.68 9.76
C VAL A 204 -4.10 45.48 10.60
N ASN A 205 -4.11 44.54 11.53
CA ASN A 205 -5.29 44.32 12.32
C ASN A 205 -5.50 45.51 13.24
N VAL A 206 -4.41 46.03 13.82
CA VAL A 206 -4.51 47.20 14.68
C VAL A 206 -5.07 48.40 13.84
N ILE A 207 -4.59 48.49 12.60
CA ILE A 207 -4.99 49.58 11.72
C ILE A 207 -6.50 49.50 11.50
N ALA A 208 -6.99 48.31 11.15
CA ALA A 208 -8.45 48.05 11.04
C ALA A 208 -9.21 48.46 12.27
N TRP A 209 -8.61 48.20 13.42
CA TRP A 209 -9.24 48.51 14.70
C TRP A 209 -9.24 50.04 14.92
N LEU A 210 -8.18 50.72 14.47
CA LEU A 210 -8.16 52.19 14.56
C LEU A 210 -9.27 52.79 13.69
N TYR A 211 -9.48 52.20 12.49
CA TYR A 211 -10.50 52.67 11.49
C TYR A 211 -11.93 52.44 12.06
N ALA A 212 -12.11 51.36 12.81
CA ALA A 212 -13.39 51.11 13.50
C ALA A 212 -13.57 52.17 14.54
N ALA A 213 -12.52 52.46 15.30
CA ALA A 213 -12.58 53.50 16.34
C ALA A 213 -12.99 54.81 15.69
N ILE A 214 -12.39 55.15 14.55
CA ILE A 214 -12.67 56.42 13.87
C ILE A 214 -14.11 56.43 13.36
N LEU A 215 -14.55 55.33 12.79
CA LEU A 215 -15.93 55.29 12.34
C LEU A 215 -16.90 55.54 13.51
N ASN A 216 -16.57 54.97 14.67
CA ASN A 216 -17.31 55.12 15.94
C ASN A 216 -17.08 56.47 16.68
N ASN A 217 -16.38 57.40 16.03
CA ASN A 217 -16.21 58.80 16.49
C ASN A 217 -15.27 58.88 17.70
N CYS A 218 -14.14 58.21 17.57
CA CYS A 218 -13.10 58.13 18.60
C CYS A 218 -11.79 58.23 17.80
N ALA A 219 -11.23 59.45 17.74
CA ALA A 219 -10.16 59.79 16.79
C ALA A 219 -9.10 60.69 17.44
N TRP A 220 -9.09 60.76 18.77
CA TRP A 220 -8.08 61.55 19.51
C TRP A 220 -6.60 61.26 19.16
N PHE A 221 -6.30 60.05 18.68
CA PHE A 221 -4.94 59.65 18.31
C PHE A 221 -4.59 60.09 16.87
N VAL A 222 -5.56 60.57 16.10
CA VAL A 222 -5.25 61.06 14.76
C VAL A 222 -4.59 62.42 14.91
N GLN A 223 -3.36 62.52 14.47
CA GLN A 223 -2.69 63.82 14.43
C GLN A 223 -2.26 64.18 13.03
N ASN A 224 -1.70 65.37 12.89
CA ASN A 224 -1.28 65.93 11.62
C ASN A 224 -0.03 65.22 11.01
N ASP A 225 0.63 64.36 11.79
CA ASP A 225 1.81 63.67 11.26
C ASP A 225 1.46 62.41 10.49
N VAL A 226 2.47 61.86 9.81
CA VAL A 226 2.33 60.79 8.86
C VAL A 226 3.64 60.01 8.95
N CYS A 227 3.57 58.70 8.77
CA CYS A 227 4.75 57.88 8.63
C CYS A 227 4.52 56.88 7.53
N SER A 228 5.42 56.80 6.54
CA SER A 228 5.20 55.93 5.37
C SER A 228 5.40 54.46 5.67
N THR A 229 4.98 53.61 4.74
CA THR A 229 5.04 52.15 4.95
C THR A 229 6.49 51.65 5.07
N GLU A 230 7.34 52.12 4.15
CA GLU A 230 8.79 51.83 4.15
C GLU A 230 9.39 52.24 5.48
N ASP A 231 9.17 53.48 5.88
CA ASP A 231 9.65 53.92 7.18
C ASP A 231 9.06 53.09 8.31
N PHE A 232 7.79 52.74 8.20
CA PHE A 232 7.20 51.99 9.29
C PHE A 232 7.80 50.59 9.40
N ASN A 233 8.02 49.99 8.25
CA ASN A 233 8.52 48.64 8.22
C ASN A 233 9.94 48.45 8.75
N VAL A 234 10.79 49.45 8.51
CA VAL A 234 12.12 49.52 9.13
C VAL A 234 12.00 49.48 10.66
N TRP A 235 11.04 50.26 11.17
CA TRP A 235 10.87 50.50 12.59
C TRP A 235 10.14 49.37 13.29
N ALA A 236 9.24 48.71 12.53
CA ALA A 236 8.45 47.57 13.00
C ALA A 236 9.34 46.47 13.58
N MET A 237 10.23 45.90 12.75
CA MET A 237 11.24 44.91 13.21
C MET A 237 11.70 45.15 14.68
N ALA A 238 12.40 46.26 14.87
CA ALA A 238 12.92 46.66 16.17
C ALA A 238 11.89 46.69 17.32
N ASN A 239 10.64 47.05 17.00
CA ASN A 239 9.67 47.37 18.08
C ASN A 239 8.50 46.39 18.39
N GLY A 240 8.44 45.29 17.66
CA GLY A 240 7.52 44.19 17.98
C GLY A 240 6.20 44.25 17.21
N PHE A 241 6.31 44.51 15.91
CA PHE A 241 5.20 44.73 15.01
C PHE A 241 5.51 44.03 13.71
N SER A 242 4.47 43.58 13.03
CA SER A 242 4.67 42.88 11.79
C SER A 242 4.72 43.90 10.67
N GLN A 243 5.45 43.54 9.62
CA GLN A 243 5.42 44.32 8.37
C GLN A 243 4.00 44.65 7.90
N VAL A 244 3.75 45.93 7.66
CA VAL A 244 2.57 46.33 6.95
C VAL A 244 2.76 45.93 5.50
N LYS A 245 1.77 45.23 4.94
CA LYS A 245 1.70 44.89 3.52
C LYS A 245 0.57 45.71 2.91
N ALA A 246 0.41 45.68 1.59
CA ALA A 246 -0.76 46.29 0.93
C ALA A 246 -2.04 45.54 1.35
N ASP A 247 -3.19 46.21 1.19
CA ASP A 247 -4.44 45.65 1.65
C ASP A 247 -5.59 46.46 1.12
N LEU A 248 -6.44 45.84 0.31
CA LEU A 248 -7.52 46.60 -0.29
C LEU A 248 -8.62 47.03 0.70
N VAL A 249 -8.79 46.30 1.80
CA VAL A 249 -9.81 46.64 2.79
C VAL A 249 -9.37 47.93 3.56
N LEU A 250 -8.18 47.92 4.11
CA LEU A 250 -7.63 49.15 4.67
C LEU A 250 -7.76 50.31 3.71
N ASP A 251 -7.45 50.10 2.42
CA ASP A 251 -7.64 51.16 1.42
C ASP A 251 -9.06 51.66 1.38
N ALA A 252 -10.02 50.75 1.55
CA ALA A 252 -11.44 51.09 1.42
C ALA A 252 -11.80 51.85 2.66
N LEU A 253 -11.23 51.46 3.79
CA LEU A 253 -11.54 52.16 5.03
C LEU A 253 -10.89 53.54 5.01
N ALA A 254 -9.74 53.65 4.34
CA ALA A 254 -8.99 54.90 4.24
C ALA A 254 -9.87 55.91 3.52
N SER A 255 -10.42 55.48 2.42
CA SER A 255 -11.30 56.29 1.63
C SER A 255 -12.55 56.66 2.45
N MET A 256 -13.15 55.70 3.12
CA MET A 256 -14.42 56.01 3.84
C MET A 256 -14.21 57.11 4.89
N THR A 257 -13.10 57.00 5.63
CA THR A 257 -12.89 57.83 6.80
C THR A 257 -12.15 59.10 6.43
N GLY A 258 -11.47 59.10 5.29
CA GLY A 258 -10.65 60.24 4.90
C GLY A 258 -9.33 60.28 5.65
N VAL A 259 -9.12 59.34 6.60
CA VAL A 259 -7.85 59.11 7.29
C VAL A 259 -6.98 58.06 6.61
N SER A 260 -5.73 58.43 6.36
CA SER A 260 -4.88 57.68 5.49
C SER A 260 -4.09 56.64 6.27
N ILE A 261 -3.64 55.61 5.56
CA ILE A 261 -2.92 54.57 6.23
C ILE A 261 -1.68 55.18 6.91
N GLU A 262 -1.00 56.09 6.20
CA GLU A 262 0.20 56.65 6.81
C GLU A 262 -0.09 57.57 7.99
N THR A 263 -1.24 58.23 7.99
CA THR A 263 -1.67 58.91 9.21
C THR A 263 -1.71 57.97 10.42
N LEU A 264 -2.19 56.73 10.25
CA LEU A 264 -2.30 55.81 11.41
C LEU A 264 -1.04 55.05 11.78
N LEU A 265 -0.17 54.88 10.79
CA LEU A 265 1.14 54.37 11.08
C LEU A 265 1.85 55.30 12.11
N ALA A 266 1.79 56.61 11.86
CA ALA A 266 2.42 57.56 12.77
C ALA A 266 1.77 57.38 14.10
N ALA A 267 0.45 57.28 14.08
CA ALA A 267 -0.34 57.22 15.31
C ALA A 267 0.08 56.00 16.15
N ILE A 268 0.29 54.89 15.47
CA ILE A 268 0.76 53.69 16.13
C ILE A 268 2.09 53.88 16.86
N LYS A 269 3.09 54.44 16.15
CA LYS A 269 4.37 54.87 16.73
C LYS A 269 4.19 55.68 18.04
N ARG A 270 3.38 56.73 17.99
CA ARG A 270 3.06 57.50 19.22
C ARG A 270 2.37 56.69 20.30
N LEU A 271 1.55 55.73 19.88
CA LEU A 271 0.74 54.94 20.78
C LEU A 271 1.50 53.81 21.46
N TYR A 272 2.54 53.35 20.77
CA TYR A 272 3.55 52.47 21.37
C TYR A 272 4.18 53.03 22.66
N MET A 273 4.56 54.32 22.67
CA MET A 273 5.15 54.96 23.85
C MET A 273 4.10 55.29 24.91
N GLY A 274 2.89 54.75 24.77
CA GLY A 274 1.89 54.88 25.83
C GLY A 274 0.59 55.49 25.37
N PHE A 275 -0.49 54.92 25.92
CA PHE A 275 -1.86 55.43 25.71
C PHE A 275 -2.17 56.64 26.61
N GLN A 276 -1.19 57.00 27.47
CA GLN A 276 -1.32 57.96 28.61
C GLN A 276 -2.73 58.20 29.20
N GLY A 277 -3.32 57.12 29.75
CA GLY A 277 -4.62 57.18 30.40
C GLY A 277 -5.78 56.94 29.47
N ARG A 278 -5.75 57.53 28.27
CA ARG A 278 -6.85 57.47 27.29
C ARG A 278 -7.11 56.04 26.77
N GLN A 279 -8.37 55.74 26.46
CA GLN A 279 -8.79 54.45 25.92
C GLN A 279 -9.25 54.55 24.48
N ILE A 280 -9.09 53.46 23.74
CA ILE A 280 -9.60 53.35 22.38
C ILE A 280 -10.60 52.23 22.36
N LEU A 281 -11.85 52.58 22.03
CA LEU A 281 -12.96 51.64 22.19
C LEU A 281 -12.79 50.79 23.47
N GLY A 282 -12.48 51.48 24.55
CA GLY A 282 -12.33 50.87 25.87
C GLY A 282 -11.23 49.84 26.13
N SER A 283 -10.08 50.00 25.50
CA SER A 283 -8.88 49.31 26.00
C SER A 283 -7.69 50.23 25.95
N CYS A 284 -6.65 49.89 26.71
CA CYS A 284 -5.45 50.72 26.82
C CYS A 284 -4.32 50.00 26.14
N THR A 285 -4.68 48.95 25.43
CA THR A 285 -3.74 48.24 24.62
C THR A 285 -4.26 48.22 23.21
N PHE A 286 -3.31 48.11 22.28
CA PHE A 286 -3.60 47.76 20.92
C PHE A 286 -4.48 46.53 20.87
N GLU A 287 -5.47 46.56 19.99
CA GLU A 287 -6.27 45.38 19.66
C GLU A 287 -5.93 44.91 18.25
N ASP A 288 -5.46 43.68 18.16
CA ASP A 288 -5.05 43.12 16.90
C ASP A 288 -5.73 41.78 16.55
N GLU A 289 -6.82 41.46 17.24
CA GLU A 289 -7.44 40.16 17.03
C GLU A 289 -8.46 40.10 15.87
N LEU A 290 -8.75 41.23 15.21
CA LEU A 290 -9.73 41.27 14.10
C LEU A 290 -9.09 41.74 12.86
N ALA A 291 -9.22 40.94 11.80
CA ALA A 291 -8.65 41.30 10.50
C ALA A 291 -9.36 42.48 9.86
N PRO A 292 -8.69 43.11 8.92
CA PRO A 292 -9.36 44.12 8.16
C PRO A 292 -10.77 43.75 7.71
N SER A 293 -10.88 42.59 7.11
CA SER A 293 -12.12 42.27 6.45
C SER A 293 -13.15 41.88 7.48
N ASP A 294 -12.75 41.31 8.63
CA ASP A 294 -13.66 41.29 9.80
C ASP A 294 -14.28 42.67 10.16
N VAL A 295 -13.43 43.70 10.28
CA VAL A 295 -13.94 45.02 10.62
C VAL A 295 -14.86 45.54 9.53
N TYR A 296 -14.44 45.40 8.30
CA TYR A 296 -15.22 45.89 7.16
C TYR A 296 -16.53 45.11 7.03
N GLN A 297 -16.51 43.80 7.25
CA GLN A 297 -17.74 43.07 7.09
C GLN A 297 -18.74 43.40 8.18
N GLN A 298 -18.33 43.58 9.43
CA GLN A 298 -19.30 43.92 10.47
C GLN A 298 -19.80 45.38 10.38
N LEU A 299 -19.07 46.29 9.74
CA LEU A 299 -19.47 47.67 9.80
C LEU A 299 -20.08 48.09 8.51
N ALA A 300 -19.56 47.55 7.42
CA ALA A 300 -20.01 47.97 6.13
C ALA A 300 -20.85 46.94 5.42
N GLY A 301 -20.77 45.65 5.80
CA GLY A 301 -21.39 44.47 5.13
C GLY A 301 -21.29 44.45 3.61
N VAL A 302 -20.67 43.47 2.94
CA VAL A 302 -20.27 42.10 3.30
C VAL A 302 -21.08 41.39 4.40
N ALA B 1 19.58 5.10 -14.46
CA ALA B 1 19.91 5.79 -13.18
C ALA B 1 21.25 6.43 -13.38
N SER B 2 22.31 5.68 -13.72
CA SER B 2 22.50 4.28 -13.38
C SER B 2 23.96 4.15 -12.95
N SER B 3 24.26 3.31 -12.00
CA SER B 3 25.59 3.44 -11.39
C SER B 3 26.77 2.66 -11.95
N GLY B 4 26.59 1.86 -13.01
CA GLY B 4 27.64 0.98 -13.55
C GLY B 4 27.99 -0.28 -12.75
N ILE B 5 27.22 -0.52 -11.70
CA ILE B 5 27.49 -1.61 -10.77
C ILE B 5 26.28 -2.48 -10.62
N VAL B 6 26.47 -3.78 -10.84
CA VAL B 6 25.36 -4.73 -10.71
C VAL B 6 25.78 -5.94 -9.86
N LYS B 7 24.86 -6.84 -9.60
CA LYS B 7 25.20 -8.15 -9.07
C LYS B 7 25.65 -9.00 -10.24
N MET B 8 26.95 -9.07 -10.45
CA MET B 8 27.43 -9.83 -11.52
C MET B 8 27.81 -11.21 -11.07
N VAL B 9 27.39 -12.19 -11.86
CA VAL B 9 27.65 -13.60 -11.58
C VAL B 9 28.76 -13.98 -12.51
N SER B 10 29.59 -14.94 -12.09
CA SER B 10 30.59 -15.51 -12.99
C SER B 10 29.85 -16.34 -14.02
N PRO B 11 30.32 -16.32 -15.26
CA PRO B 11 29.65 -17.11 -16.30
C PRO B 11 29.49 -18.55 -15.83
N THR B 12 28.46 -19.26 -16.31
CA THR B 12 28.19 -20.58 -15.72
C THR B 12 28.68 -21.86 -16.49
N SER B 13 29.25 -21.69 -17.70
CA SER B 13 29.43 -22.88 -18.59
C SER B 13 30.35 -24.01 -18.08
N LYS B 14 31.31 -23.70 -17.23
CA LYS B 14 32.21 -24.70 -16.66
C LYS B 14 31.63 -25.54 -15.53
N ILE B 15 30.52 -25.10 -14.97
CA ILE B 15 29.98 -25.71 -13.79
C ILE B 15 28.77 -26.56 -14.16
N GLU B 16 27.95 -26.05 -15.06
CA GLU B 16 26.73 -26.74 -15.43
C GLU B 16 26.96 -28.23 -15.74
N PRO B 17 27.97 -28.56 -16.56
CA PRO B 17 28.06 -29.98 -16.85
C PRO B 17 28.60 -30.82 -15.68
N CYS B 18 28.88 -30.20 -14.53
CA CYS B 18 29.28 -30.94 -13.34
C CYS B 18 28.08 -31.25 -12.43
N ILE B 19 26.90 -30.72 -12.80
CA ILE B 19 25.72 -30.91 -11.95
C ILE B 19 25.00 -32.19 -12.34
N VAL B 20 24.74 -33.00 -11.32
CA VAL B 20 24.06 -34.29 -11.44
C VAL B 20 22.85 -34.40 -10.52
N SER B 21 21.97 -35.35 -10.80
CA SER B 21 20.91 -35.66 -9.82
C SER B 21 21.35 -36.89 -9.03
N VAL B 22 21.13 -36.91 -7.72
CA VAL B 22 21.39 -38.10 -6.93
C VAL B 22 20.09 -38.51 -6.32
N THR B 23 19.79 -39.79 -6.44
CA THR B 23 18.52 -40.33 -5.99
C THR B 23 18.76 -41.49 -5.06
N TYR B 24 18.05 -41.48 -3.93
CA TYR B 24 18.11 -42.57 -2.99
C TYR B 24 16.71 -42.79 -2.45
N GLY B 25 16.20 -44.01 -2.58
CA GLY B 25 14.83 -44.29 -2.16
C GLY B 25 13.84 -43.46 -2.98
N SER B 26 13.00 -42.70 -2.30
CA SER B 26 12.04 -41.85 -3.01
C SER B 26 12.50 -40.36 -3.11
N MET B 27 13.76 -40.12 -2.86
CA MET B 27 14.24 -38.77 -2.64
C MET B 27 15.30 -38.43 -3.72
N THR B 28 15.12 -37.29 -4.40
CA THR B 28 16.12 -36.78 -5.34
C THR B 28 16.57 -35.38 -4.97
N LEU B 29 17.86 -35.13 -5.12
CA LEU B 29 18.44 -33.80 -4.99
C LEU B 29 19.65 -33.68 -5.97
N ASN B 30 20.48 -32.65 -5.82
CA ASN B 30 21.56 -32.41 -6.80
C ASN B 30 22.93 -32.76 -6.26
N GLY B 31 23.85 -33.13 -7.18
CA GLY B 31 25.20 -33.41 -6.70
C GLY B 31 26.16 -32.71 -7.63
N LEU B 32 27.42 -32.63 -7.23
CA LEU B 32 28.45 -32.06 -8.03
C LEU B 32 29.49 -33.16 -8.38
N TRP B 33 29.67 -33.39 -9.70
CA TRP B 33 30.56 -34.41 -10.26
C TRP B 33 31.89 -33.80 -10.79
N LEU B 34 32.99 -34.16 -10.12
CA LEU B 34 34.29 -33.63 -10.41
C LEU B 34 35.19 -34.82 -10.38
N ASP B 35 36.03 -34.94 -11.40
CA ASP B 35 36.77 -36.15 -11.67
C ASP B 35 35.82 -37.34 -11.50
N ASP B 36 36.20 -38.30 -10.65
CA ASP B 36 35.37 -39.46 -10.38
C ASP B 36 34.69 -39.42 -9.00
N LYS B 37 34.50 -38.18 -8.50
CA LYS B 37 33.72 -37.90 -7.32
C LYS B 37 32.40 -37.15 -7.56
N VAL B 38 31.37 -37.60 -6.85
CA VAL B 38 30.20 -36.80 -6.72
C VAL B 38 29.87 -36.54 -5.27
N TYR B 39 29.66 -35.24 -5.00
CA TYR B 39 29.41 -34.69 -3.66
C TYR B 39 27.97 -34.23 -3.57
N CYS B 40 27.33 -34.50 -2.46
CA CYS B 40 25.96 -34.09 -2.29
C CYS B 40 25.62 -34.15 -0.81
N PRO B 41 24.49 -33.55 -0.42
CA PRO B 41 24.12 -33.57 1.02
C PRO B 41 23.88 -34.99 1.48
N ARG B 42 24.16 -35.27 2.77
CA ARG B 42 23.95 -36.63 3.25
C ARG B 42 22.48 -36.91 3.51
N HIS B 43 21.68 -35.88 3.81
CA HIS B 43 20.24 -36.14 4.00
C HIS B 43 19.56 -36.77 2.82
N VAL B 44 20.29 -37.05 1.75
CA VAL B 44 19.66 -37.81 0.68
C VAL B 44 19.29 -39.20 1.20
N ILE B 45 19.95 -39.66 2.26
CA ILE B 45 19.69 -41.02 2.73
C ILE B 45 18.61 -41.06 3.81
N CYS B 46 17.94 -39.92 4.00
CA CYS B 46 16.76 -39.84 4.83
C CYS B 46 15.52 -40.35 4.12
N SER B 47 14.58 -40.76 4.95
CA SER B 47 13.18 -40.79 4.58
C SER B 47 12.62 -40.50 5.92
N MET B 51 13.62 -37.12 10.14
CA MET B 51 14.13 -36.01 9.30
C MET B 51 13.16 -34.92 9.66
N ASN B 52 12.83 -34.66 10.92
CA ASN B 52 13.58 -33.70 11.72
C ASN B 52 14.65 -33.97 12.78
N GLU B 53 14.88 -35.21 13.18
CA GLU B 53 16.12 -35.41 13.88
C GLU B 53 16.84 -36.71 13.50
N PRO B 54 17.51 -36.71 12.34
CA PRO B 54 18.11 -37.94 11.82
C PRO B 54 19.32 -38.42 12.60
N ASP B 55 19.35 -39.73 12.80
CA ASP B 55 20.49 -40.46 13.33
C ASP B 55 21.15 -41.00 12.06
N TYR B 56 22.13 -40.26 11.60
CA TYR B 56 22.68 -40.52 10.28
C TYR B 56 23.55 -41.80 10.22
N SER B 57 24.23 -42.14 11.32
CA SER B 57 25.08 -43.35 11.31
C SER B 57 24.24 -44.64 11.12
N ALA B 58 23.11 -44.71 11.82
CA ALA B 58 22.10 -45.75 11.61
C ALA B 58 21.51 -45.76 10.20
N LEU B 59 21.27 -44.57 9.67
CA LEU B 59 20.79 -44.41 8.30
C LEU B 59 21.79 -44.99 7.33
N LEU B 60 23.06 -44.66 7.55
CA LEU B 60 24.19 -45.18 6.76
C LEU B 60 24.19 -46.69 6.63
N CYS B 61 23.96 -47.39 7.76
CA CYS B 61 23.88 -48.89 7.81
C CYS B 61 22.92 -49.54 6.81
N ARG B 62 21.78 -48.90 6.55
CA ARG B 62 20.78 -49.40 5.59
C ARG B 62 21.16 -49.03 4.13
N VAL B 63 22.17 -48.18 3.98
CA VAL B 63 22.70 -47.88 2.67
C VAL B 63 23.46 -49.06 2.10
N THR B 64 23.07 -49.45 0.91
CA THR B 64 23.89 -50.37 0.15
C THR B 64 24.21 -49.68 -1.17
N LEU B 65 24.99 -50.35 -2.01
CA LEU B 65 25.67 -49.74 -3.10
C LEU B 65 24.79 -49.33 -4.34
N GLY B 66 24.01 -50.26 -4.87
CA GLY B 66 23.19 -49.96 -6.03
C GLY B 66 21.93 -49.26 -5.59
N ASP B 67 21.91 -48.80 -4.34
CA ASP B 67 20.83 -47.93 -3.85
C ASP B 67 20.90 -46.50 -4.44
N PHE B 68 22.05 -46.08 -4.97
CA PHE B 68 22.16 -44.77 -5.52
C PHE B 68 21.95 -44.77 -7.04
N THR B 69 21.06 -43.90 -7.55
CA THR B 69 20.98 -43.59 -8.96
C THR B 69 21.53 -42.18 -9.17
N ILE B 70 22.58 -42.06 -9.96
CA ILE B 70 23.20 -40.78 -10.25
C ILE B 70 23.15 -40.56 -11.73
N MET B 71 22.41 -39.55 -12.16
CA MET B 71 22.23 -39.24 -13.59
C MET B 71 22.95 -37.99 -13.98
N SER B 72 23.71 -38.08 -15.07
CA SER B 72 24.23 -36.92 -15.75
C SER B 72 23.50 -36.78 -17.06
N GLY B 73 22.54 -35.85 -17.14
CA GLY B 73 21.60 -35.85 -18.26
C GLY B 73 20.90 -37.22 -18.26
N ARG B 74 21.02 -37.97 -19.36
CA ARG B 74 20.40 -39.29 -19.49
C ARG B 74 21.33 -40.45 -19.08
N MET B 75 22.58 -40.14 -18.77
CA MET B 75 23.62 -41.10 -18.46
C MET B 75 23.70 -41.44 -16.96
N SER B 76 23.58 -42.75 -16.67
CA SER B 76 23.52 -43.25 -15.33
C SER B 76 24.94 -43.58 -14.85
N LEU B 77 25.39 -42.94 -13.78
CA LEU B 77 26.74 -43.22 -13.25
C LEU B 77 26.69 -44.34 -12.23
N THR B 78 27.72 -45.22 -12.26
CA THR B 78 27.71 -46.32 -11.30
C THR B 78 28.59 -45.96 -10.13
N VAL B 79 28.01 -46.06 -8.96
CA VAL B 79 28.77 -45.72 -7.80
C VAL B 79 29.55 -46.92 -7.32
N VAL B 80 30.81 -46.65 -6.97
CA VAL B 80 31.80 -47.65 -6.64
C VAL B 80 32.15 -47.61 -5.14
N SER B 81 31.92 -46.46 -4.51
CA SER B 81 31.96 -46.38 -3.03
C SER B 81 31.28 -45.14 -2.44
N TYR B 82 30.75 -45.28 -1.25
CA TYR B 82 30.20 -44.16 -0.53
C TYR B 82 30.88 -43.92 0.81
N GLN B 83 31.15 -42.67 1.13
CA GLN B 83 31.47 -42.36 2.52
C GLN B 83 30.83 -41.07 3.00
N MET B 84 30.53 -40.98 4.28
CA MET B 84 29.96 -39.78 4.84
C MET B 84 31.09 -38.93 5.34
N GLN B 85 31.13 -37.67 4.97
CA GLN B 85 32.13 -36.78 5.55
C GLN B 85 31.45 -35.47 6.04
N GLY B 86 31.37 -35.27 7.35
CA GLY B 86 30.52 -34.23 7.93
C GLY B 86 29.08 -34.43 7.49
N CYS B 87 28.51 -33.41 6.81
CA CYS B 87 27.13 -33.50 6.34
C CYS B 87 26.93 -33.70 4.83
N GLN B 88 28.01 -34.15 4.15
CA GLN B 88 27.91 -34.50 2.75
C GLN B 88 28.25 -35.99 2.53
N LEU B 89 27.84 -36.53 1.38
CA LEU B 89 28.30 -37.81 0.94
C LEU B 89 29.30 -37.51 -0.13
N VAL B 90 30.36 -38.32 -0.19
CA VAL B 90 31.24 -38.36 -1.34
C VAL B 90 31.06 -39.75 -1.90
N LEU B 91 30.48 -39.81 -3.09
CA LEU B 91 30.21 -41.05 -3.81
C LEU B 91 31.23 -41.18 -4.97
N THR B 92 32.12 -42.19 -4.89
CA THR B 92 33.13 -42.34 -5.96
C THR B 92 32.44 -43.07 -7.09
N VAL B 93 32.67 -42.70 -8.34
CA VAL B 93 31.94 -43.39 -9.39
C VAL B 93 32.90 -44.04 -10.31
N SER B 94 32.35 -44.77 -11.29
CA SER B 94 33.17 -45.60 -12.17
C SER B 94 33.79 -44.70 -13.21
N LEU B 95 33.30 -43.45 -13.27
CA LEU B 95 33.55 -42.57 -14.41
C LEU B 95 34.10 -41.15 -14.11
N GLN B 96 35.12 -40.80 -14.85
CA GLN B 96 35.78 -39.53 -14.79
C GLN B 96 35.00 -38.46 -15.61
N ASN B 97 34.68 -37.35 -14.98
CA ASN B 97 33.88 -36.33 -15.66
C ASN B 97 34.75 -35.59 -16.66
N PRO B 98 34.48 -35.83 -17.95
CA PRO B 98 35.36 -35.24 -18.97
C PRO B 98 35.24 -33.77 -19.00
N TYR B 99 34.25 -33.21 -18.32
CA TYR B 99 34.16 -31.76 -18.32
C TYR B 99 34.77 -31.15 -17.08
N THR B 100 35.45 -31.98 -16.26
CA THR B 100 35.99 -31.53 -15.00
C THR B 100 36.88 -30.34 -15.27
N PRO B 101 36.60 -29.22 -14.61
CA PRO B 101 37.47 -28.06 -14.73
C PRO B 101 38.64 -28.10 -13.76
N LYS B 102 39.67 -27.30 -14.03
CA LYS B 102 40.58 -26.82 -12.99
C LYS B 102 39.74 -26.41 -11.81
N TYR B 103 39.99 -26.98 -10.64
CA TYR B 103 39.26 -26.52 -9.50
C TYR B 103 40.02 -26.58 -8.18
N THR B 104 39.47 -25.90 -7.17
CA THR B 104 39.86 -26.13 -5.81
C THR B 104 38.64 -26.05 -4.90
N PHE B 105 38.77 -26.62 -3.72
CA PHE B 105 37.77 -26.38 -2.67
C PHE B 105 38.25 -25.29 -1.71
N GLY B 106 37.37 -24.38 -1.33
CA GLY B 106 37.72 -23.37 -0.35
C GLY B 106 36.56 -22.91 0.50
N ASN B 107 36.80 -21.84 1.23
CA ASN B 107 35.86 -21.28 2.22
C ASN B 107 35.59 -19.82 1.96
N VAL B 108 34.43 -19.34 2.38
CA VAL B 108 34.12 -17.95 2.23
C VAL B 108 33.97 -17.36 3.63
N LYS B 109 34.70 -16.26 3.89
CA LYS B 109 34.56 -15.47 5.14
C LYS B 109 33.37 -14.50 4.98
N PRO B 110 32.72 -14.10 6.06
CA PRO B 110 31.59 -13.15 5.89
C PRO B 110 31.98 -11.89 5.11
N GLY B 111 31.07 -11.36 4.31
CA GLY B 111 31.43 -10.24 3.43
C GLY B 111 31.90 -10.64 2.04
N GLU B 112 32.56 -11.79 1.92
CA GLU B 112 32.89 -12.30 0.62
C GLU B 112 31.65 -12.74 -0.17
N THR B 113 31.74 -12.55 -1.49
CA THR B 113 30.62 -12.89 -2.36
C THR B 113 30.94 -14.05 -3.31
N PHE B 114 29.92 -14.73 -3.83
CA PHE B 114 30.14 -15.74 -4.86
C PHE B 114 28.85 -15.97 -5.57
N THR B 115 28.91 -16.80 -6.59
CA THR B 115 27.75 -17.12 -7.34
C THR B 115 27.14 -18.49 -6.93
N VAL B 116 25.82 -18.60 -6.94
CA VAL B 116 25.18 -19.88 -6.74
C VAL B 116 24.54 -20.34 -8.03
N LEU B 117 24.70 -21.63 -8.39
CA LEU B 117 24.04 -22.20 -9.55
C LEU B 117 22.90 -23.00 -8.99
N ALA B 118 21.71 -22.48 -9.05
CA ALA B 118 20.59 -23.22 -8.56
C ALA B 118 20.19 -24.30 -9.54
N ALA B 119 19.98 -25.49 -9.03
CA ALA B 119 19.64 -26.64 -9.86
C ALA B 119 18.52 -27.42 -9.20
N TYR B 120 17.67 -28.00 -10.02
CA TYR B 120 16.56 -28.86 -9.54
C TYR B 120 16.64 -30.17 -10.37
N ASN B 121 16.69 -31.31 -9.69
CA ASN B 121 16.78 -32.60 -10.39
C ASN B 121 18.00 -32.71 -11.30
N GLY B 122 19.17 -32.21 -10.85
CA GLY B 122 20.31 -32.24 -11.76
C GLY B 122 20.34 -31.19 -12.87
N ARG B 123 19.28 -30.42 -13.00
CA ARG B 123 19.17 -29.50 -14.13
C ARG B 123 19.33 -28.04 -13.63
N PRO B 124 20.45 -27.38 -13.99
CA PRO B 124 20.65 -25.97 -13.59
C PRO B 124 19.51 -25.09 -14.08
N GLN B 125 19.13 -24.13 -13.23
CA GLN B 125 17.99 -23.27 -13.47
C GLN B 125 18.42 -21.81 -13.72
N GLY B 126 19.29 -21.32 -12.86
CA GLY B 126 19.71 -19.94 -12.95
C GLY B 126 20.81 -19.71 -11.95
N ALA B 127 21.52 -18.61 -12.10
CA ALA B 127 22.54 -18.26 -11.14
C ALA B 127 22.28 -16.87 -10.53
N PHE B 128 22.78 -16.67 -9.32
CA PHE B 128 22.65 -15.38 -8.66
C PHE B 128 23.80 -15.17 -7.73
N HIS B 129 24.11 -13.90 -7.53
CA HIS B 129 25.13 -13.37 -6.66
C HIS B 129 24.69 -13.37 -5.19
N VAL B 130 25.57 -13.79 -4.27
CA VAL B 130 25.22 -13.75 -2.85
C VAL B 130 26.42 -13.33 -2.06
N THR B 131 26.13 -12.77 -0.90
CA THR B 131 27.14 -12.38 0.08
C THR B 131 27.09 -13.32 1.31
N MET B 132 28.18 -13.96 1.70
CA MET B 132 28.17 -14.64 3.00
C MET B 132 27.94 -13.62 4.12
N ARG B 133 26.92 -13.83 4.96
CA ARG B 133 26.63 -12.91 6.05
C ARG B 133 27.45 -13.25 7.27
N SER B 134 27.58 -12.33 8.22
CA SER B 134 28.10 -12.61 9.57
C SER B 134 27.33 -13.71 10.25
N SER B 135 26.06 -13.83 9.93
CA SER B 135 25.26 -14.93 10.47
C SER B 135 25.67 -16.29 9.86
N TYR B 136 26.54 -16.24 8.83
CA TYR B 136 27.02 -17.45 8.16
C TYR B 136 25.87 -18.07 7.43
N THR B 137 25.01 -17.18 6.93
CA THR B 137 23.91 -17.51 6.02
C THR B 137 24.01 -16.64 4.75
N ILE B 138 23.28 -17.03 3.73
CA ILE B 138 23.18 -16.21 2.51
C ILE B 138 21.70 -15.95 2.21
N LYS B 139 21.44 -14.92 1.41
CA LYS B 139 20.07 -14.59 1.03
C LYS B 139 19.88 -15.09 -0.39
N GLY B 140 19.41 -16.30 -0.55
CA GLY B 140 19.19 -16.80 -1.87
C GLY B 140 17.73 -17.02 -2.21
N SER B 141 17.50 -17.92 -3.17
CA SER B 141 16.21 -18.17 -3.73
C SER B 141 16.22 -19.66 -4.06
N PHE B 142 15.72 -20.46 -3.12
CA PHE B 142 15.76 -21.91 -3.24
C PHE B 142 14.39 -22.45 -2.83
N LEU B 143 13.81 -23.28 -3.70
CA LEU B 143 12.65 -24.08 -3.38
C LEU B 143 13.06 -25.49 -2.98
N CYS B 144 12.05 -26.34 -2.79
CA CYS B 144 12.21 -27.78 -2.72
C CYS B 144 12.95 -28.37 -3.87
N GLY B 145 13.87 -29.26 -3.50
CA GLY B 145 14.69 -29.97 -4.45
C GLY B 145 15.93 -29.22 -4.87
N SER B 146 16.23 -28.09 -4.23
CA SER B 146 17.43 -27.28 -4.55
C SER B 146 18.69 -27.70 -3.85
N CYS B 147 18.59 -28.64 -2.91
CA CYS B 147 19.76 -28.97 -2.13
C CYS B 147 20.80 -29.61 -3.00
N GLY B 148 22.05 -29.32 -2.70
CA GLY B 148 23.14 -29.63 -3.61
C GLY B 148 23.53 -28.52 -4.60
N SER B 149 22.67 -27.51 -4.85
CA SER B 149 23.06 -26.38 -5.62
C SER B 149 24.41 -25.85 -5.10
N VAL B 150 25.27 -25.35 -6.00
CA VAL B 150 26.65 -25.01 -5.68
C VAL B 150 26.96 -23.49 -5.79
N GLY B 151 27.73 -23.01 -4.84
CA GLY B 151 28.23 -21.67 -4.90
C GLY B 151 29.68 -21.80 -5.21
N TYR B 152 30.17 -20.93 -6.09
CA TYR B 152 31.58 -20.99 -6.51
C TYR B 152 32.08 -19.58 -6.84
N VAL B 153 33.40 -19.46 -7.00
CA VAL B 153 34.09 -18.27 -7.50
C VAL B 153 35.00 -18.64 -8.68
N LEU B 154 34.96 -17.84 -9.74
CA LEU B 154 35.95 -17.92 -10.82
C LEU B 154 37.28 -17.17 -10.57
N THR B 155 38.18 -17.34 -11.53
CA THR B 155 39.59 -16.98 -11.42
C THR B 155 40.12 -17.19 -12.83
N GLY B 156 39.45 -16.48 -13.76
CA GLY B 156 39.56 -16.77 -15.18
C GLY B 156 39.23 -18.23 -15.42
N ASP B 157 40.29 -19.03 -15.50
CA ASP B 157 40.19 -20.46 -15.87
C ASP B 157 39.85 -21.45 -14.70
N SER B 158 40.22 -21.12 -13.47
CA SER B 158 40.07 -22.04 -12.34
C SER B 158 38.81 -21.78 -11.51
N VAL B 159 38.12 -22.83 -11.06
CA VAL B 159 36.90 -22.69 -10.24
C VAL B 159 37.19 -23.02 -8.78
N LYS B 160 36.86 -22.10 -7.87
CA LYS B 160 36.90 -22.43 -6.46
C LYS B 160 35.46 -22.63 -5.97
N PHE B 161 35.19 -23.83 -5.49
CA PHE B 161 33.87 -24.24 -5.03
C PHE B 161 33.81 -23.98 -3.51
N VAL B 162 32.74 -23.35 -3.01
CA VAL B 162 32.77 -22.84 -1.65
C VAL B 162 31.50 -23.14 -0.89
N TYR B 163 30.46 -23.56 -1.58
CA TYR B 163 29.24 -23.72 -0.87
C TYR B 163 28.39 -24.76 -1.50
N MET B 164 27.69 -25.51 -0.65
CA MET B 164 26.73 -26.48 -1.08
C MET B 164 25.48 -26.20 -0.30
N HIS B 165 24.39 -25.98 -1.01
CA HIS B 165 23.13 -25.67 -0.36
C HIS B 165 22.35 -26.84 0.33
N GLN B 166 22.00 -26.62 1.60
CA GLN B 166 21.36 -27.65 2.43
C GLN B 166 20.09 -27.23 3.15
N LEU B 167 20.08 -25.99 3.64
CA LEU B 167 19.25 -25.62 4.74
C LEU B 167 18.63 -24.25 4.64
N GLU B 168 17.35 -24.17 4.97
CA GLU B 168 16.69 -22.89 5.15
C GLU B 168 16.35 -22.59 6.61
N LEU B 169 16.96 -21.53 7.16
CA LEU B 169 16.74 -21.18 8.56
C LEU B 169 15.37 -20.59 8.85
N SER B 170 14.90 -19.79 7.91
CA SER B 170 13.69 -19.00 8.05
C SER B 170 13.47 -18.38 6.65
N THR B 171 12.24 -17.93 6.43
CA THR B 171 11.85 -17.36 5.14
C THR B 171 12.96 -16.46 4.54
N GLY B 172 13.55 -16.96 3.46
CA GLY B 172 14.55 -16.23 2.69
C GLY B 172 15.93 -16.22 3.29
N CYS B 173 16.22 -17.13 4.24
CA CYS B 173 17.52 -17.16 4.94
C CYS B 173 18.26 -18.53 4.86
N HIS B 174 19.44 -18.57 4.23
CA HIS B 174 19.99 -19.87 3.77
C HIS B 174 21.37 -20.26 4.20
N THR B 175 21.66 -21.56 4.33
CA THR B 175 23.01 -21.95 4.70
C THR B 175 23.26 -23.36 4.19
N GLY B 176 24.52 -23.80 4.28
CA GLY B 176 24.99 -25.04 3.72
C GLY B 176 26.43 -25.28 4.13
N THR B 177 27.08 -26.19 3.42
CA THR B 177 28.35 -26.70 3.89
C THR B 177 29.39 -26.30 2.89
N ASP B 178 30.65 -26.38 3.30
CA ASP B 178 31.71 -26.34 2.33
C ASP B 178 31.94 -27.78 1.83
N PHE B 179 33.02 -28.00 1.07
CA PHE B 179 33.25 -29.28 0.43
C PHE B 179 34.09 -30.26 1.22
N THR B 180 34.34 -29.93 2.49
CA THR B 180 34.79 -30.90 3.44
C THR B 180 33.55 -31.41 4.14
N GLY B 181 32.38 -30.87 3.84
CA GLY B 181 31.14 -31.46 4.35
C GLY B 181 30.78 -30.78 5.66
N ASN B 182 31.39 -29.64 5.88
CA ASN B 182 31.29 -28.91 7.14
C ASN B 182 30.38 -27.66 7.06
N PHE B 183 29.29 -27.63 7.83
CA PHE B 183 28.38 -26.46 7.84
C PHE B 183 29.10 -25.16 8.15
N TYR B 184 28.64 -24.09 7.52
CA TYR B 184 29.14 -22.75 7.85
C TYR B 184 28.42 -22.37 9.14
N GLY B 185 29.09 -21.58 9.99
CA GLY B 185 28.54 -21.15 11.26
C GLY B 185 28.18 -22.37 12.08
N PRO B 186 27.26 -22.21 13.01
CA PRO B 186 27.10 -23.36 13.90
C PRO B 186 25.99 -24.30 13.47
N TYR B 187 25.41 -24.10 12.30
CA TYR B 187 24.20 -24.86 11.95
C TYR B 187 24.50 -26.32 11.64
N ARG B 188 23.45 -27.12 11.48
CA ARG B 188 23.57 -28.54 11.18
C ARG B 188 22.31 -29.05 10.49
N ASP B 189 22.37 -30.22 9.89
CA ASP B 189 21.30 -30.69 9.05
C ASP B 189 20.13 -31.38 9.77
N ALA B 190 19.38 -30.61 10.54
CA ALA B 190 18.27 -31.20 11.21
C ALA B 190 17.14 -30.22 11.18
N GLN B 191 15.92 -30.73 11.15
CA GLN B 191 14.81 -29.84 11.03
C GLN B 191 14.27 -29.48 12.40
N VAL B 192 15.03 -28.69 13.14
CA VAL B 192 14.65 -28.22 14.47
C VAL B 192 14.94 -26.74 14.51
N VAL B 193 14.57 -26.09 15.62
CA VAL B 193 14.84 -24.67 15.79
C VAL B 193 16.34 -24.44 15.80
N GLN B 194 16.78 -23.67 14.83
CA GLN B 194 18.15 -23.20 14.75
C GLN B 194 18.03 -21.71 14.46
N LEU B 195 18.24 -20.96 15.54
CA LEU B 195 18.15 -19.51 15.57
C LEU B 195 19.48 -18.92 15.05
N PRO B 196 19.41 -18.08 14.00
CA PRO B 196 20.65 -17.59 13.37
C PRO B 196 21.43 -16.66 14.27
N VAL B 197 22.74 -16.90 14.35
CA VAL B 197 23.70 -15.94 14.90
C VAL B 197 23.29 -14.53 14.46
N LYS B 198 23.49 -13.55 15.34
CA LYS B 198 23.24 -12.14 14.98
C LYS B 198 24.16 -11.74 13.82
N ASP B 199 23.60 -10.80 13.02
CA ASP B 199 24.16 -10.45 11.73
C ASP B 199 24.55 -8.98 11.65
N TYR B 200 25.78 -8.74 11.22
CA TYR B 200 26.35 -7.40 11.15
C TYR B 200 26.28 -6.82 9.75
N VAL B 201 26.23 -5.50 9.66
CA VAL B 201 26.50 -4.79 8.43
C VAL B 201 27.96 -5.06 8.14
N GLN B 202 28.25 -5.41 6.88
CA GLN B 202 29.61 -5.67 6.40
C GLN B 202 30.25 -4.35 6.03
N THR B 203 31.24 -3.96 6.83
CA THR B 203 31.66 -2.57 6.88
C THR B 203 32.43 -2.22 5.63
N VAL B 204 33.45 -3.02 5.36
CA VAL B 204 34.19 -2.81 4.14
C VAL B 204 33.33 -2.81 2.83
N ASN B 205 32.25 -3.60 2.77
CA ASN B 205 31.42 -3.60 1.59
C ASN B 205 30.69 -2.26 1.47
N VAL B 206 30.19 -1.73 2.58
CA VAL B 206 29.54 -0.42 2.59
C VAL B 206 30.55 0.65 2.09
N ILE B 207 31.78 0.51 2.57
CA ILE B 207 32.84 1.43 2.20
C ILE B 207 33.02 1.45 0.70
N ALA B 208 33.22 0.26 0.12
CA ALA B 208 33.34 0.11 -1.35
C ALA B 208 32.19 0.76 -2.05
N TRP B 209 31.02 0.55 -1.47
CA TRP B 209 29.78 1.03 -2.05
C TRP B 209 29.76 2.55 -1.97
N LEU B 210 30.25 3.10 -0.85
CA LEU B 210 30.45 4.54 -0.76
C LEU B 210 31.41 5.02 -1.84
N TYR B 211 32.49 4.27 -2.09
CA TYR B 211 33.48 4.58 -3.16
C TYR B 211 32.88 4.58 -4.58
N ALA B 212 31.99 3.65 -4.85
CA ALA B 212 31.27 3.63 -6.13
C ALA B 212 30.48 4.89 -6.26
N ALA B 213 29.84 5.28 -5.16
CA ALA B 213 28.95 6.46 -5.14
C ALA B 213 29.75 7.73 -5.44
N ILE B 214 30.92 7.89 -4.79
CA ILE B 214 31.79 9.08 -5.02
C ILE B 214 32.29 9.12 -6.48
N LEU B 215 32.66 7.98 -7.00
CA LEU B 215 33.11 7.89 -8.37
C LEU B 215 31.96 8.31 -9.33
N ASN B 216 30.71 8.03 -8.94
CA ASN B 216 29.50 8.38 -9.70
C ASN B 216 28.98 9.78 -9.39
N ASN B 217 29.77 10.55 -8.65
CA ASN B 217 29.56 11.96 -8.39
C ASN B 217 28.38 12.15 -7.45
N CYS B 218 28.41 11.36 -6.38
CA CYS B 218 27.41 11.37 -5.32
C CYS B 218 28.20 11.25 -4.00
N ALA B 219 28.50 12.39 -3.38
CA ALA B 219 29.45 12.48 -2.29
C ALA B 219 28.97 13.44 -1.16
N TRP B 220 27.67 13.72 -1.12
CA TRP B 220 27.09 14.61 -0.08
C TRP B 220 27.38 14.19 1.39
N PHE B 221 27.70 12.92 1.62
CA PHE B 221 27.96 12.41 2.96
C PHE B 221 29.45 12.59 3.32
N VAL B 222 30.30 12.97 2.36
CA VAL B 222 31.68 13.23 2.69
C VAL B 222 31.73 14.57 3.42
N GLN B 223 32.21 14.53 4.65
CA GLN B 223 32.45 15.76 5.38
C GLN B 223 33.90 15.87 5.82
N ASN B 224 34.23 16.98 6.45
CA ASN B 224 35.57 17.30 6.87
C ASN B 224 36.07 16.41 8.03
N ASP B 225 35.16 15.67 8.67
CA ASP B 225 35.59 14.83 9.79
C ASP B 225 36.12 13.48 9.34
N VAL B 226 36.72 12.78 10.31
CA VAL B 226 37.49 11.57 10.10
C VAL B 226 37.26 10.75 11.38
N CYS B 227 37.17 9.44 11.24
CA CYS B 227 37.22 8.56 12.39
C CYS B 227 38.17 7.41 12.09
N SER B 228 39.10 7.10 13.00
CA SER B 228 40.14 6.09 12.71
C SER B 228 39.62 4.65 12.79
N THR B 229 40.42 3.71 12.31
CA THR B 229 39.98 2.30 12.28
C THR B 229 39.80 1.72 13.70
N GLU B 230 40.80 1.94 14.57
CA GLU B 230 40.75 1.59 16.01
C GLU B 230 39.50 2.19 16.62
N ASP B 231 39.31 3.48 16.44
CA ASP B 231 38.12 4.09 16.99
C ASP B 231 36.86 3.50 16.42
N PHE B 232 36.87 3.21 15.11
CA PHE B 232 35.68 2.70 14.49
C PHE B 232 35.33 1.32 15.03
N ASN B 233 36.38 0.51 15.17
CA ASN B 233 36.19 -0.84 15.59
C ASN B 233 35.65 -1.04 17.00
N VAL B 234 36.03 -0.14 17.91
CA VAL B 234 35.42 -0.07 19.25
C VAL B 234 33.89 0.15 19.15
N TRP B 235 33.50 1.01 18.22
CA TRP B 235 32.14 1.48 18.07
C TRP B 235 31.28 0.52 17.27
N ALA B 236 31.94 -0.21 16.36
CA ALA B 236 31.33 -1.21 15.49
C ALA B 236 30.54 -2.23 16.31
N MET B 237 31.25 -3.01 17.14
CA MET B 237 30.64 -3.92 18.14
C MET B 237 29.23 -3.46 18.62
N ALA B 238 29.22 -2.36 19.37
CA ALA B 238 28.00 -1.85 19.96
C ALA B 238 26.88 -1.55 18.94
N ASN B 239 27.26 -1.22 17.70
CA ASN B 239 26.26 -0.65 16.76
C ASN B 239 25.77 -1.48 15.54
N GLY B 240 26.31 -2.69 15.40
CA GLY B 240 25.83 -3.67 14.41
C GLY B 240 26.60 -3.63 13.11
N PHE B 241 27.93 -3.55 13.23
CA PHE B 241 28.87 -3.41 12.15
C PHE B 241 30.07 -4.29 12.41
N SER B 242 30.64 -4.84 11.36
CA SER B 242 31.74 -5.73 11.50
C SER B 242 33.01 -4.91 11.59
N GLN B 243 34.04 -5.52 12.17
CA GLN B 243 35.38 -4.94 12.20
C GLN B 243 35.89 -4.60 10.78
N VAL B 244 36.33 -3.37 10.62
CA VAL B 244 37.07 -3.03 9.45
C VAL B 244 38.44 -3.69 9.60
N LYS B 245 38.89 -4.39 8.56
CA LYS B 245 40.25 -4.92 8.48
C LYS B 245 40.97 -4.13 7.40
N ALA B 246 42.28 -4.31 7.26
CA ALA B 246 43.01 -3.75 6.10
C ALA B 246 42.48 -4.34 4.77
N ASP B 247 42.75 -3.65 3.67
CA ASP B 247 42.18 -4.05 2.39
C ASP B 247 42.81 -3.27 1.28
N LEU B 248 43.52 -3.96 0.39
CA LEU B 248 44.24 -3.26 -0.67
C LEU B 248 43.33 -2.60 -1.72
N VAL B 249 42.13 -3.15 -1.94
CA VAL B 249 41.20 -2.57 -2.90
C VAL B 249 40.64 -1.24 -2.36
N LEU B 250 40.09 -1.28 -1.16
CA LEU B 250 39.71 0.00 -0.55
C LEU B 250 40.85 1.00 -0.65
N ASP B 251 42.08 0.58 -0.34
CA ASP B 251 43.25 1.46 -0.48
C ASP B 251 43.35 2.05 -1.87
N ALA B 252 43.01 1.26 -2.88
CA ALA B 252 43.22 1.65 -4.27
C ALA B 252 42.13 2.65 -4.60
N LEU B 253 40.94 2.42 -4.08
CA LEU B 253 39.86 3.36 -4.32
C LEU B 253 40.12 4.68 -3.55
N ALA B 254 40.78 4.58 -2.40
CA ALA B 254 41.07 5.75 -1.55
C ALA B 254 41.92 6.69 -2.39
N SER B 255 42.93 6.12 -3.00
CA SER B 255 43.84 6.84 -3.83
C SER B 255 43.12 7.39 -5.07
N MET B 256 42.29 6.58 -5.70
CA MET B 256 41.61 7.06 -6.92
C MET B 256 40.76 8.29 -6.62
N THR B 257 40.02 8.24 -5.52
CA THR B 257 39.00 9.24 -5.26
C THR B 257 39.55 10.38 -4.43
N GLY B 258 40.68 10.16 -3.76
CA GLY B 258 41.24 11.18 -2.89
C GLY B 258 40.54 11.27 -1.54
N VAL B 259 39.45 10.51 -1.34
CA VAL B 259 38.78 10.35 -0.06
C VAL B 259 39.29 9.13 0.73
N SER B 260 39.65 9.37 1.98
CA SER B 260 40.36 8.41 2.75
C SER B 260 39.42 7.45 3.46
N ILE B 261 39.94 6.30 3.84
CA ILE B 261 39.05 5.33 4.47
C ILE B 261 38.47 5.97 5.73
N GLU B 262 39.29 6.74 6.44
CA GLU B 262 38.78 7.26 7.71
C GLU B 262 37.76 8.39 7.55
N THR B 263 37.89 9.17 6.47
CA THR B 263 36.81 10.05 6.09
C THR B 263 35.45 9.34 5.98
N LEU B 264 35.42 8.10 5.47
CA LEU B 264 34.13 7.41 5.29
C LEU B 264 33.67 6.61 6.50
N LEU B 265 34.61 6.25 7.36
CA LEU B 265 34.24 5.68 8.62
C LEU B 265 33.40 6.72 9.38
N ALA B 266 33.91 7.96 9.43
CA ALA B 266 33.16 9.04 10.08
C ALA B 266 31.82 9.12 9.43
N ALA B 267 31.81 9.07 8.11
CA ALA B 267 30.57 9.25 7.34
C ALA B 267 29.54 8.18 7.69
N ILE B 268 30.00 6.96 7.82
CA ILE B 268 29.16 5.85 8.23
C ILE B 268 28.48 6.07 9.60
N LYS B 269 29.27 6.42 10.61
CA LYS B 269 28.76 6.86 11.93
C LYS B 269 27.62 7.88 11.82
N ARG B 270 27.79 8.93 11.02
CA ARG B 270 26.70 9.90 10.81
C ARG B 270 25.51 9.33 10.09
N LEU B 271 25.77 8.36 9.21
CA LEU B 271 24.73 7.81 8.36
C LEU B 271 23.87 6.81 9.09
N TYR B 272 24.49 6.10 10.03
CA TYR B 272 23.79 5.28 11.02
C TYR B 272 22.64 6.02 11.74
N MET B 273 22.87 7.28 12.14
CA MET B 273 21.87 8.10 12.82
C MET B 273 20.81 8.64 11.85
N GLY B 274 20.85 8.18 10.60
CA GLY B 274 19.81 8.56 9.63
C GLY B 274 20.37 9.07 8.30
N PHE B 275 19.67 8.71 7.23
CA PHE B 275 19.98 9.22 5.89
C PHE B 275 19.32 10.58 5.65
N GLN B 276 18.50 11.03 6.63
CA GLN B 276 17.51 12.15 6.52
C GLN B 276 16.59 11.52 5.44
N GLY B 277 16.36 12.26 4.35
CA GLY B 277 15.56 11.78 3.23
C GLY B 277 16.46 11.55 2.02
N ARG B 278 17.73 11.94 2.12
CA ARG B 278 18.71 11.80 1.03
C ARG B 278 19.03 10.33 0.70
N GLN B 279 19.25 10.05 -0.59
CA GLN B 279 19.59 8.71 -1.08
C GLN B 279 21.02 8.63 -1.57
N ILE B 280 21.59 7.43 -1.46
CA ILE B 280 22.90 7.14 -2.02
C ILE B 280 22.71 6.07 -3.08
N LEU B 281 23.13 6.39 -4.30
CA LEU B 281 22.83 5.55 -5.47
C LEU B 281 21.42 4.92 -5.36
N GLY B 282 20.44 5.76 -5.02
CA GLY B 282 19.05 5.35 -4.88
C GLY B 282 18.62 4.36 -3.82
N SER B 283 19.27 4.38 -2.67
CA SER B 283 18.66 3.70 -1.52
C SER B 283 18.88 4.50 -0.25
N CYS B 284 18.08 4.22 0.77
CA CYS B 284 18.10 4.98 2.00
C CYS B 284 18.67 4.13 3.09
N THR B 285 19.25 3.02 2.66
CA THR B 285 19.95 2.14 3.56
C THR B 285 21.32 1.87 3.01
N PHE B 286 22.21 1.51 3.92
CA PHE B 286 23.50 0.98 3.58
C PHE B 286 23.36 -0.18 2.61
N GLU B 287 24.21 -0.22 1.60
CA GLU B 287 24.34 -1.38 0.74
C GLU B 287 25.65 -2.08 1.04
N ASP B 288 25.53 -3.32 1.48
CA ASP B 288 26.69 -4.08 1.85
C ASP B 288 26.82 -5.39 1.06
N GLU B 289 26.09 -5.50 -0.04
CA GLU B 289 26.09 -6.78 -0.73
C GLU B 289 27.22 -6.98 -1.73
N LEU B 290 28.06 -5.97 -1.95
CA LEU B 290 29.16 -6.08 -2.92
C LEU B 290 30.47 -5.85 -2.31
N ALA B 291 31.39 -6.78 -2.52
CA ALA B 291 32.74 -6.69 -1.94
C ALA B 291 33.57 -5.56 -2.56
N PRO B 292 34.61 -5.18 -1.88
CA PRO B 292 35.51 -4.27 -2.51
C PRO B 292 35.90 -4.67 -3.93
N SER B 293 36.36 -5.89 -4.11
CA SER B 293 36.88 -6.26 -5.40
C SER B 293 35.77 -6.40 -6.40
N ASP B 294 34.52 -6.62 -5.98
CA ASP B 294 33.43 -6.49 -6.96
C ASP B 294 33.27 -5.04 -7.48
N VAL B 295 33.23 -4.04 -6.58
CA VAL B 295 33.13 -2.65 -7.03
C VAL B 295 34.30 -2.29 -7.95
N TYR B 296 35.50 -2.68 -7.55
CA TYR B 296 36.69 -2.30 -8.28
C TYR B 296 36.73 -2.99 -9.64
N GLN B 297 36.32 -4.25 -9.71
CA GLN B 297 36.39 -4.94 -11.00
C GLN B 297 35.35 -4.39 -11.94
N GLN B 298 34.15 -4.08 -11.48
CA GLN B 298 33.17 -3.45 -12.37
C GLN B 298 33.52 -2.05 -12.83
N LEU B 299 34.27 -1.27 -12.05
CA LEU B 299 34.43 0.13 -12.39
C LEU B 299 35.76 0.37 -13.00
N ALA B 300 36.74 -0.32 -12.46
CA ALA B 300 38.12 -0.07 -12.85
C ALA B 300 38.63 -1.13 -13.81
N GLY B 301 38.00 -2.29 -13.85
CA GLY B 301 38.35 -3.29 -14.84
C GLY B 301 39.54 -4.10 -14.43
N VAL B 302 39.26 -5.33 -13.96
CA VAL B 302 40.27 -6.38 -13.74
C VAL B 302 39.86 -7.67 -14.50
N GLY C 4 13.98 -16.52 -1.18
CA GLY C 4 13.37 -15.21 -0.99
C GLY C 4 13.25 -14.79 -2.45
N ILE C 5 13.89 -13.70 -2.83
CA ILE C 5 13.94 -13.30 -4.23
C ILE C 5 15.29 -12.66 -4.53
N VAL C 6 15.73 -12.85 -5.76
CA VAL C 6 17.04 -12.39 -6.21
C VAL C 6 16.90 -12.07 -7.69
N LYS C 7 17.88 -11.35 -8.23
CA LYS C 7 17.97 -11.19 -9.67
C LYS C 7 18.64 -12.45 -10.21
N MET C 8 17.80 -13.40 -10.62
CA MET C 8 18.19 -14.68 -11.23
C MET C 8 18.61 -14.53 -12.71
N VAL C 9 19.88 -14.80 -12.98
CA VAL C 9 20.44 -14.72 -14.32
C VAL C 9 20.25 -16.07 -15.03
N SER C 10 19.94 -16.11 -16.34
CA SER C 10 19.91 -17.42 -17.02
C SER C 10 21.31 -18.06 -17.13
N PRO C 11 21.40 -19.41 -17.13
CA PRO C 11 22.71 -20.09 -17.39
C PRO C 11 23.33 -19.70 -18.73
N THR C 12 24.68 -19.63 -18.79
CA THR C 12 25.33 -19.10 -19.98
C THR C 12 25.92 -20.16 -20.94
N SER C 13 25.81 -21.48 -20.64
CA SER C 13 26.59 -22.49 -21.40
C SER C 13 26.18 -22.50 -22.87
N LYS C 14 24.89 -22.27 -23.15
CA LYS C 14 24.44 -22.29 -24.55
C LYS C 14 24.98 -21.06 -25.24
N ILE C 15 25.44 -20.07 -24.50
CA ILE C 15 25.67 -18.78 -25.16
C ILE C 15 27.16 -18.51 -25.28
N GLU C 16 27.91 -18.84 -24.23
CA GLU C 16 29.39 -18.72 -24.29
C GLU C 16 30.05 -19.19 -25.57
N PRO C 17 29.75 -20.44 -26.01
CA PRO C 17 30.48 -20.88 -27.23
C PRO C 17 30.16 -20.09 -28.48
N CYS C 18 29.14 -19.24 -28.44
CA CYS C 18 28.86 -18.37 -29.58
C CYS C 18 29.61 -17.02 -29.55
N ILE C 19 30.39 -16.78 -28.49
CA ILE C 19 30.99 -15.48 -28.37
C ILE C 19 32.36 -15.43 -29.06
N VAL C 20 32.47 -14.55 -30.04
CA VAL C 20 33.67 -14.40 -30.83
C VAL C 20 34.20 -12.99 -30.69
N SER C 21 35.48 -12.78 -30.97
CA SER C 21 35.97 -11.40 -31.09
C SER C 21 35.95 -10.98 -32.56
N VAL C 22 35.68 -9.70 -32.82
CA VAL C 22 35.81 -9.14 -34.16
C VAL C 22 36.68 -7.87 -34.13
N THR C 23 37.64 -7.79 -35.07
CA THR C 23 38.62 -6.69 -35.21
C THR C 23 38.66 -6.20 -36.63
N TYR C 24 38.88 -4.90 -36.81
CA TYR C 24 39.03 -4.37 -38.13
C TYR C 24 39.84 -3.13 -38.03
N GLY C 25 41.09 -3.18 -38.46
CA GLY C 25 41.89 -1.96 -38.38
C GLY C 25 42.21 -1.92 -36.93
N SER C 26 41.72 -0.91 -36.22
CA SER C 26 42.13 -0.68 -34.83
C SER C 26 41.26 -1.37 -33.81
N MET C 27 39.96 -1.30 -34.05
CA MET C 27 38.92 -1.63 -33.01
C MET C 27 38.78 -3.13 -32.83
N THR C 28 39.00 -3.63 -31.59
CA THR C 28 38.50 -4.98 -31.21
C THR C 28 37.26 -4.99 -30.32
N LEU C 29 36.15 -5.50 -30.82
CA LEU C 29 34.98 -5.74 -29.95
C LEU C 29 34.41 -7.16 -30.07
N ASN C 30 33.16 -7.34 -29.72
CA ASN C 30 32.61 -8.66 -29.58
C ASN C 30 31.53 -8.90 -30.61
N GLY C 31 31.37 -10.16 -31.01
CA GLY C 31 30.30 -10.53 -31.90
C GLY C 31 29.66 -11.83 -31.49
N LEU C 32 28.55 -12.13 -32.14
CA LEU C 32 27.79 -13.33 -31.85
C LEU C 32 27.78 -14.26 -33.13
N TRP C 33 28.20 -15.51 -32.97
CA TRP C 33 28.32 -16.47 -34.06
C TRP C 33 27.28 -17.57 -34.05
N LEU C 34 26.38 -17.55 -35.02
CA LEU C 34 25.24 -18.47 -35.09
C LEU C 34 25.19 -18.96 -36.55
N ASP C 35 25.04 -20.28 -36.75
CA ASP C 35 25.19 -20.87 -38.08
C ASP C 35 26.49 -20.28 -38.67
N ASP C 36 26.42 -19.79 -39.90
CA ASP C 36 27.63 -19.29 -40.54
C ASP C 36 27.67 -17.73 -40.55
N LYS C 37 26.89 -17.12 -39.65
CA LYS C 37 26.82 -15.69 -39.49
C LYS C 37 27.44 -15.27 -38.17
N VAL C 38 28.22 -14.18 -38.22
CA VAL C 38 28.70 -13.43 -37.04
C VAL C 38 28.09 -12.01 -36.99
N TYR C 39 27.37 -11.67 -35.92
CA TYR C 39 26.74 -10.35 -35.80
C TYR C 39 27.58 -9.46 -34.94
N CYS C 40 27.73 -8.19 -35.31
CA CYS C 40 28.48 -7.27 -34.43
C CYS C 40 28.15 -5.81 -34.67
N PRO C 41 28.54 -4.92 -33.75
CA PRO C 41 28.19 -3.52 -34.13
C PRO C 41 28.95 -3.05 -35.38
N ARG C 42 28.28 -2.28 -36.23
CA ARG C 42 28.94 -1.80 -37.43
C ARG C 42 30.10 -0.85 -37.11
N HIS C 43 30.07 -0.16 -35.98
CA HIS C 43 31.16 0.74 -35.70
C HIS C 43 32.53 0.08 -35.49
N VAL C 44 32.61 -1.25 -35.66
CA VAL C 44 33.90 -1.94 -35.56
C VAL C 44 34.82 -1.43 -36.65
N ILE C 45 34.24 -0.84 -37.71
CA ILE C 45 35.03 -0.34 -38.85
C ILE C 45 35.54 1.12 -38.74
N CYS C 46 35.21 1.81 -37.65
CA CYS C 46 35.78 3.10 -37.25
C CYS C 46 37.09 2.97 -36.47
N SER C 47 37.95 3.97 -36.63
CA SER C 47 39.01 4.28 -35.67
C SER C 47 38.52 5.47 -34.84
N SER C 48 39.14 5.68 -33.68
CA SER C 48 39.01 6.96 -32.95
C SER C 48 39.56 8.09 -33.84
N SER C 49 38.66 8.78 -34.55
CA SER C 49 39.08 9.76 -35.58
C SER C 49 37.90 10.09 -36.46
N ASN C 50 37.21 9.02 -36.85
CA ASN C 50 35.86 9.10 -37.31
C ASN C 50 35.05 9.00 -36.02
N MET C 51 35.65 8.37 -34.97
CA MET C 51 34.90 7.79 -33.80
C MET C 51 33.81 8.65 -33.21
N ASN C 52 33.96 9.98 -33.30
CA ASN C 52 32.93 10.89 -32.84
C ASN C 52 31.68 10.97 -33.74
N GLU C 53 31.76 11.64 -34.88
CA GLU C 53 30.76 11.44 -35.97
C GLU C 53 31.39 10.58 -37.06
N PRO C 54 31.06 9.26 -37.07
CA PRO C 54 31.63 8.39 -38.11
C PRO C 54 30.79 8.53 -39.38
N ASP C 55 31.42 8.42 -40.56
CA ASP C 55 30.68 8.29 -41.84
C ASP C 55 30.56 6.80 -42.24
N TYR C 56 29.35 6.24 -42.08
CA TYR C 56 29.17 4.79 -42.15
C TYR C 56 29.15 4.28 -43.58
N SER C 57 28.16 4.75 -44.34
CA SER C 57 28.07 4.43 -45.78
C SER C 57 29.42 4.59 -46.50
N ALA C 58 30.20 5.58 -46.08
CA ALA C 58 31.52 5.83 -46.64
C ALA C 58 32.62 4.93 -46.07
N LEU C 59 32.54 4.55 -44.80
CA LEU C 59 33.55 3.64 -44.24
C LEU C 59 33.50 2.28 -44.95
N LEU C 60 32.27 1.86 -45.26
CA LEU C 60 31.96 0.59 -45.89
C LEU C 60 32.78 0.33 -47.13
N CYS C 61 32.97 1.38 -47.93
CA CYS C 61 33.57 1.27 -49.25
C CYS C 61 34.99 0.84 -49.24
N ARG C 62 35.73 1.31 -48.24
CA ARG C 62 37.16 1.05 -48.13
C ARG C 62 37.44 -0.34 -47.56
N VAL C 63 36.39 -0.98 -47.04
CA VAL C 63 36.43 -2.31 -46.42
C VAL C 63 36.91 -3.42 -47.37
N THR C 64 38.07 -3.98 -47.06
CA THR C 64 38.50 -5.20 -47.72
C THR C 64 38.45 -6.32 -46.67
N LEU C 65 37.76 -7.39 -47.04
CA LEU C 65 37.57 -8.58 -46.22
C LEU C 65 38.75 -8.99 -45.34
N GLY C 66 39.91 -9.24 -45.96
CA GLY C 66 41.07 -9.77 -45.24
C GLY C 66 41.46 -8.99 -43.99
N ASP C 67 41.02 -7.73 -43.92
CA ASP C 67 41.30 -6.88 -42.75
C ASP C 67 40.45 -7.34 -41.54
N PHE C 68 39.31 -8.00 -41.81
CA PHE C 68 38.57 -8.68 -40.74
C PHE C 68 39.32 -9.86 -40.12
N THR C 69 39.09 -10.02 -38.81
CA THR C 69 39.78 -10.95 -37.95
C THR C 69 38.80 -11.38 -36.84
N ILE C 70 38.40 -12.63 -36.89
CA ILE C 70 37.34 -13.12 -36.06
C ILE C 70 37.84 -14.38 -35.38
N MET C 71 38.07 -14.26 -34.10
CA MET C 71 38.55 -15.33 -33.29
C MET C 71 37.40 -15.98 -32.50
N SER C 72 37.34 -17.31 -32.55
CA SER C 72 36.59 -18.08 -31.64
C SER C 72 37.58 -18.93 -30.84
N GLY C 73 37.96 -18.46 -29.64
CA GLY C 73 39.12 -19.00 -28.91
C GLY C 73 40.37 -18.75 -29.71
N ARG C 74 41.21 -19.76 -29.87
CA ARG C 74 42.37 -19.66 -30.78
C ARG C 74 42.04 -19.82 -32.27
N MET C 75 40.84 -20.28 -32.59
CA MET C 75 40.45 -20.51 -33.97
C MET C 75 40.19 -19.17 -34.67
N SER C 76 40.24 -19.17 -35.99
CA SER C 76 40.28 -17.93 -36.73
C SER C 76 39.40 -18.08 -37.93
N LEU C 77 38.16 -17.60 -37.84
CA LEU C 77 37.20 -17.87 -38.90
C LEU C 77 37.55 -17.06 -40.12
N THR C 78 37.20 -17.55 -41.30
CA THR C 78 37.59 -16.77 -42.46
C THR C 78 36.30 -16.22 -43.05
N VAL C 79 36.24 -14.90 -43.28
CA VAL C 79 35.00 -14.25 -43.70
C VAL C 79 34.75 -14.27 -45.21
N VAL C 80 33.67 -14.92 -45.58
CA VAL C 80 33.27 -15.05 -46.99
C VAL C 80 32.79 -13.71 -47.51
N SER C 81 31.65 -13.22 -47.00
CA SER C 81 31.08 -11.94 -47.37
C SER C 81 30.54 -11.15 -46.13
N TYR C 82 29.95 -9.97 -46.37
CA TYR C 82 29.49 -9.11 -45.26
C TYR C 82 28.38 -8.15 -45.63
N GLN C 83 27.41 -7.94 -44.74
CA GLN C 83 26.52 -6.83 -44.99
C GLN C 83 26.18 -5.91 -43.80
N MET C 84 25.90 -4.65 -44.10
CA MET C 84 25.53 -3.71 -43.08
C MET C 84 24.06 -3.71 -42.96
N GLN C 85 23.54 -4.01 -41.79
CA GLN C 85 22.10 -3.97 -41.57
C GLN C 85 21.86 -3.08 -40.35
N GLY C 86 21.19 -1.93 -40.59
CA GLY C 86 21.12 -0.82 -39.62
C GLY C 86 22.48 -0.51 -39.01
N CYS C 87 22.59 -0.71 -37.69
CA CYS C 87 23.81 -0.46 -36.94
C CYS C 87 24.67 -1.67 -36.61
N GLN C 88 24.37 -2.81 -37.24
CA GLN C 88 25.27 -3.95 -37.15
C GLN C 88 25.86 -4.30 -38.51
N LEU C 89 26.99 -5.00 -38.44
CA LEU C 89 27.51 -5.79 -39.54
C LEU C 89 27.08 -7.24 -39.41
N VAL C 90 26.70 -7.88 -40.52
CA VAL C 90 26.41 -9.31 -40.55
C VAL C 90 27.43 -9.92 -41.49
N LEU C 91 28.45 -10.52 -40.91
CA LEU C 91 29.48 -11.13 -41.70
C LEU C 91 29.25 -12.63 -41.85
N THR C 92 29.28 -13.11 -43.10
CA THR C 92 29.24 -14.53 -43.35
C THR C 92 30.61 -15.18 -43.20
N VAL C 93 30.68 -16.27 -42.44
CA VAL C 93 31.97 -16.96 -42.42
C VAL C 93 31.87 -18.31 -43.14
N SER C 94 33.01 -18.93 -43.46
CA SER C 94 32.92 -20.26 -44.14
C SER C 94 32.52 -21.36 -43.19
N LEU C 95 33.05 -21.35 -41.96
CA LEU C 95 32.72 -22.37 -40.94
C LEU C 95 31.44 -22.15 -40.16
N GLN C 96 30.47 -23.02 -40.44
CA GLN C 96 29.22 -23.15 -39.67
C GLN C 96 29.48 -23.48 -38.18
N ASN C 97 28.84 -22.74 -37.24
CA ASN C 97 29.18 -22.93 -35.82
C ASN C 97 28.56 -24.20 -35.24
N PRO C 98 29.42 -25.17 -34.87
CA PRO C 98 29.04 -26.49 -34.34
C PRO C 98 28.14 -26.44 -33.06
N TYR C 99 28.28 -25.37 -32.26
CA TYR C 99 27.47 -25.19 -31.06
C TYR C 99 26.35 -24.16 -31.18
N THR C 100 25.86 -23.91 -32.40
CA THR C 100 24.67 -23.09 -32.58
C THR C 100 23.42 -23.63 -31.85
N PRO C 101 22.96 -22.99 -30.76
CA PRO C 101 21.72 -23.40 -30.05
C PRO C 101 20.54 -23.23 -30.97
N LYS C 102 19.40 -23.83 -30.64
CA LYS C 102 18.17 -23.50 -31.31
C LYS C 102 17.88 -22.01 -30.90
N TYR C 103 17.52 -21.11 -31.80
CA TYR C 103 17.36 -19.72 -31.34
C TYR C 103 16.41 -18.95 -32.17
N THR C 104 15.85 -17.87 -31.62
CA THR C 104 15.24 -16.85 -32.49
C THR C 104 15.76 -15.43 -32.21
N PHE C 105 15.27 -14.49 -33.00
CA PHE C 105 15.55 -13.08 -32.74
C PHE C 105 14.28 -12.37 -32.26
N GLY C 106 14.44 -11.55 -31.24
CA GLY C 106 13.31 -10.79 -30.84
C GLY C 106 13.68 -9.47 -30.26
N ASN C 107 12.67 -8.93 -29.60
CA ASN C 107 12.65 -7.57 -29.24
C ASN C 107 11.94 -7.43 -27.93
N VAL C 108 12.56 -6.71 -27.02
CA VAL C 108 12.11 -6.66 -25.67
C VAL C 108 11.41 -5.28 -25.51
N LYS C 109 10.36 -5.26 -24.70
CA LYS C 109 9.56 -4.07 -24.44
C LYS C 109 9.80 -3.54 -23.04
N PRO C 110 9.48 -2.25 -22.79
CA PRO C 110 9.66 -1.77 -21.40
C PRO C 110 9.11 -2.73 -20.34
N GLY C 111 9.95 -3.05 -19.36
CA GLY C 111 9.59 -3.89 -18.21
C GLY C 111 10.05 -5.34 -18.37
N GLU C 112 10.14 -5.83 -19.60
CA GLU C 112 10.65 -7.16 -19.83
C GLU C 112 12.10 -7.20 -19.47
N THR C 113 12.51 -8.33 -18.91
CA THR C 113 13.83 -8.47 -18.36
C THR C 113 14.59 -9.49 -19.20
N PHE C 114 15.92 -9.52 -19.07
CA PHE C 114 16.71 -10.49 -19.77
C PHE C 114 18.08 -10.57 -19.20
N THR C 115 18.86 -11.58 -19.63
CA THR C 115 20.24 -11.75 -19.17
C THR C 115 21.23 -11.12 -20.15
N VAL C 116 22.28 -10.53 -19.62
CA VAL C 116 23.36 -10.02 -20.46
C VAL C 116 24.60 -10.85 -20.19
N LEU C 117 25.29 -11.20 -21.25
CA LEU C 117 26.56 -11.84 -21.08
C LEU C 117 27.58 -10.82 -21.55
N ALA C 118 28.28 -10.26 -20.57
CA ALA C 118 29.33 -9.29 -20.84
C ALA C 118 30.62 -10.02 -21.21
N ALA C 119 31.20 -9.58 -22.31
CA ALA C 119 32.38 -10.12 -22.83
C ALA C 119 33.36 -9.00 -23.19
N TYR C 120 34.61 -9.36 -23.34
CA TYR C 120 35.67 -8.40 -23.63
C TYR C 120 36.59 -9.24 -24.47
N ASN C 121 36.84 -8.78 -25.67
CA ASN C 121 37.81 -9.43 -26.49
C ASN C 121 37.45 -10.85 -26.90
N GLY C 122 36.14 -11.14 -26.98
CA GLY C 122 35.58 -12.44 -27.34
C GLY C 122 35.38 -13.44 -26.22
N ARG C 123 35.79 -13.06 -25.02
CA ARG C 123 35.84 -13.94 -23.89
C ARG C 123 34.85 -13.55 -22.76
N PRO C 124 33.78 -14.32 -22.56
CA PRO C 124 32.79 -13.93 -21.57
C PRO C 124 33.38 -13.72 -20.18
N GLN C 125 32.93 -12.70 -19.44
CA GLN C 125 33.58 -12.28 -18.19
C GLN C 125 32.59 -12.40 -17.09
N GLY C 126 31.34 -12.04 -17.31
CA GLY C 126 30.29 -12.41 -16.39
C GLY C 126 28.90 -12.05 -16.94
N ALA C 127 27.88 -12.22 -16.14
CA ALA C 127 26.57 -11.97 -16.69
C ALA C 127 25.71 -11.33 -15.65
N PHE C 128 24.67 -10.62 -16.07
CA PHE C 128 23.78 -9.90 -15.11
C PHE C 128 22.39 -9.78 -15.67
N HIS C 129 21.44 -9.57 -14.77
CA HIS C 129 20.03 -9.53 -15.13
C HIS C 129 19.60 -8.07 -15.25
N VAL C 130 18.90 -7.73 -16.32
CA VAL C 130 18.46 -6.38 -16.54
C VAL C 130 17.00 -6.29 -16.96
N THR C 131 16.46 -5.07 -16.82
CA THR C 131 15.15 -4.69 -17.20
C THR C 131 15.25 -3.59 -18.23
N MET C 132 14.54 -3.73 -19.36
CA MET C 132 14.44 -2.68 -20.37
C MET C 132 13.59 -1.56 -19.77
N ARG C 133 14.09 -0.34 -19.79
CA ARG C 133 13.35 0.76 -19.16
C ARG C 133 12.45 1.48 -20.19
N SER C 134 11.51 2.27 -19.72
CA SER C 134 10.72 3.20 -20.59
C SER C 134 11.52 3.94 -21.62
N SER C 135 12.70 4.38 -21.22
CA SER C 135 13.60 5.16 -22.06
C SER C 135 14.35 4.29 -23.05
N TYR C 136 14.07 2.99 -23.04
CA TYR C 136 14.77 2.03 -23.94
C TYR C 136 16.28 2.04 -23.69
N THR C 137 16.61 2.03 -22.38
CA THR C 137 17.99 1.89 -21.90
C THR C 137 17.99 0.87 -20.78
N ILE C 138 19.15 0.33 -20.43
CA ILE C 138 19.19 -0.58 -19.29
C ILE C 138 20.27 -0.07 -18.33
N LYS C 139 20.23 -0.52 -17.07
CA LYS C 139 21.23 -0.17 -16.05
C LYS C 139 22.20 -1.30 -16.02
N GLY C 140 23.23 -1.27 -16.85
CA GLY C 140 24.13 -2.40 -16.88
C GLY C 140 25.47 -2.03 -16.33
N SER C 141 26.44 -2.94 -16.57
CA SER C 141 27.75 -2.70 -16.10
C SER C 141 28.71 -2.99 -17.23
N PHE C 142 29.21 -1.93 -17.86
CA PHE C 142 29.92 -2.05 -19.14
C PHE C 142 31.19 -1.16 -19.23
N LEU C 143 32.34 -1.77 -19.56
CA LEU C 143 33.54 -1.00 -19.83
C LEU C 143 33.86 -1.01 -21.31
N CYS C 144 34.87 -0.20 -21.66
CA CYS C 144 35.37 -0.14 -23.05
C CYS C 144 35.66 -1.56 -23.48
N GLY C 145 35.28 -1.95 -24.71
CA GLY C 145 35.52 -3.30 -25.18
C GLY C 145 34.29 -4.20 -24.96
N SER C 146 33.26 -3.66 -24.29
CA SER C 146 32.08 -4.50 -24.07
C SER C 146 31.14 -4.51 -25.26
N CYS C 147 31.31 -3.63 -26.23
CA CYS C 147 30.28 -3.66 -27.27
C CYS C 147 30.14 -4.98 -28.06
N GLY C 148 28.89 -5.26 -28.39
CA GLY C 148 28.60 -6.51 -29.01
C GLY C 148 28.34 -7.59 -28.01
N SER C 149 28.45 -7.31 -26.69
CA SER C 149 27.95 -8.22 -25.65
C SER C 149 26.46 -8.45 -25.88
N VAL C 150 25.97 -9.67 -25.62
CA VAL C 150 24.59 -9.98 -26.02
C VAL C 150 23.62 -10.08 -24.84
N GLY C 151 22.40 -9.64 -25.05
CA GLY C 151 21.33 -9.91 -24.10
C GLY C 151 20.38 -10.95 -24.69
N TYR C 152 19.79 -11.75 -23.81
CA TYR C 152 19.12 -12.94 -24.27
C TYR C 152 18.12 -13.41 -23.19
N VAL C 153 17.08 -14.09 -23.65
CA VAL C 153 16.18 -14.79 -22.74
C VAL C 153 16.04 -16.27 -23.12
N LEU C 154 15.90 -17.15 -22.13
CA LEU C 154 15.67 -18.58 -22.38
C LEU C 154 14.18 -18.88 -22.34
N THR C 155 13.62 -19.27 -23.47
CA THR C 155 12.22 -19.63 -23.56
C THR C 155 12.19 -21.05 -24.05
N GLY C 156 12.11 -21.98 -23.09
CA GLY C 156 11.94 -23.40 -23.34
C GLY C 156 13.27 -23.91 -23.73
N ASP C 157 13.28 -24.63 -24.85
CA ASP C 157 14.45 -25.28 -25.41
C ASP C 157 15.18 -24.28 -26.33
N SER C 158 14.79 -23.01 -26.23
CA SER C 158 15.23 -22.02 -27.19
C SER C 158 15.82 -20.72 -26.56
N VAL C 159 16.78 -20.09 -27.27
CA VAL C 159 17.37 -18.80 -26.93
C VAL C 159 16.81 -17.67 -27.82
N LYS C 160 16.19 -16.71 -27.19
CA LYS C 160 15.72 -15.53 -27.88
C LYS C 160 16.75 -14.39 -27.64
N PHE C 161 17.57 -14.11 -28.65
CA PHE C 161 18.45 -12.96 -28.67
C PHE C 161 17.71 -11.66 -28.96
N VAL C 162 18.12 -10.61 -28.25
CA VAL C 162 17.22 -9.51 -27.93
C VAL C 162 17.98 -8.17 -27.83
N TYR C 163 19.27 -8.22 -27.50
CA TYR C 163 20.07 -7.04 -27.30
C TYR C 163 21.50 -7.31 -27.75
N MET C 164 22.13 -6.30 -28.33
CA MET C 164 23.54 -6.40 -28.65
C MET C 164 24.08 -5.12 -28.16
N HIS C 165 25.07 -5.20 -27.29
CA HIS C 165 25.40 -3.99 -26.58
C HIS C 165 26.16 -2.86 -27.38
N GLN C 166 25.71 -1.59 -27.31
CA GLN C 166 26.54 -0.45 -28.00
C GLN C 166 26.96 0.92 -27.42
N LEU C 167 26.14 1.48 -26.51
CA LEU C 167 26.25 2.90 -26.19
C LEU C 167 26.07 3.12 -24.72
N GLU C 168 26.88 3.96 -24.13
CA GLU C 168 26.62 4.38 -22.76
C GLU C 168 26.20 5.85 -22.87
N LEU C 169 24.99 6.14 -22.42
CA LEU C 169 24.51 7.54 -22.38
C LEU C 169 25.15 8.39 -21.27
N SER C 170 25.20 9.70 -21.48
CA SER C 170 25.60 10.71 -20.46
C SER C 170 25.00 10.55 -19.07
N THR C 171 23.84 9.93 -18.93
CA THR C 171 23.28 9.58 -17.61
C THR C 171 23.86 8.34 -16.89
N GLY C 172 24.80 7.62 -17.49
CA GLY C 172 25.25 6.32 -16.93
C GLY C 172 24.46 5.06 -17.27
N CYS C 173 23.35 5.17 -18.03
CA CYS C 173 22.62 3.95 -18.38
C CYS C 173 22.97 3.48 -19.81
N HIS C 174 22.50 2.31 -20.21
CA HIS C 174 22.99 1.73 -21.48
C HIS C 174 21.96 1.46 -22.53
N THR C 175 22.37 1.41 -23.78
CA THR C 175 21.43 0.92 -24.76
C THR C 175 22.16 0.37 -25.96
N GLY C 176 21.38 -0.24 -26.87
CA GLY C 176 21.92 -0.93 -28.01
C GLY C 176 20.84 -1.31 -28.99
N THR C 177 21.21 -2.21 -29.89
CA THR C 177 20.36 -2.64 -31.00
C THR C 177 19.78 -4.03 -30.76
N ASP C 178 18.64 -4.31 -31.38
CA ASP C 178 18.15 -5.65 -31.47
C ASP C 178 18.83 -6.31 -32.65
N PHE C 179 18.48 -7.56 -32.98
CA PHE C 179 19.33 -8.27 -33.94
C PHE C 179 18.98 -8.03 -35.42
N THR C 180 18.04 -7.11 -35.67
CA THR C 180 17.80 -6.62 -37.05
C THR C 180 18.61 -5.38 -37.27
N GLY C 181 19.50 -5.09 -36.33
CA GLY C 181 20.44 -3.96 -36.47
C GLY C 181 19.81 -2.63 -36.05
N ASN C 182 18.64 -2.73 -35.44
CA ASN C 182 17.91 -1.55 -35.05
C ASN C 182 18.03 -1.13 -33.57
N PHE C 183 18.22 0.14 -33.28
CA PHE C 183 18.39 0.60 -31.90
C PHE C 183 17.07 0.68 -31.23
N TYR C 184 17.00 0.25 -29.98
CA TYR C 184 15.87 0.53 -29.11
C TYR C 184 15.76 2.01 -28.95
N GLY C 185 14.52 2.53 -28.81
CA GLY C 185 14.32 3.98 -28.69
C GLY C 185 14.88 4.77 -29.88
N PRO C 186 15.21 6.06 -29.65
CA PRO C 186 15.64 7.03 -30.66
C PRO C 186 17.15 7.14 -30.76
N TYR C 187 17.86 6.30 -30.04
CA TYR C 187 19.31 6.47 -29.94
C TYR C 187 20.05 6.06 -31.24
N ARG C 188 21.33 6.52 -31.35
CA ARG C 188 22.14 6.21 -32.56
C ARG C 188 23.62 5.99 -32.28
N ASP C 189 24.32 5.32 -33.19
CA ASP C 189 25.74 5.00 -32.98
C ASP C 189 26.67 6.15 -33.30
N ALA C 190 26.56 7.23 -32.51
CA ALA C 190 27.46 8.37 -32.61
C ALA C 190 27.66 8.95 -31.22
N GLN C 191 28.86 9.49 -30.99
CA GLN C 191 29.27 10.03 -29.72
C GLN C 191 28.78 11.50 -29.60
N VAL C 192 27.49 11.68 -29.77
CA VAL C 192 26.87 12.98 -29.64
C VAL C 192 25.86 12.97 -28.48
N VAL C 193 25.53 14.18 -28.02
CA VAL C 193 24.48 14.39 -27.02
C VAL C 193 23.19 13.63 -27.40
N GLN C 194 22.70 12.82 -26.49
CA GLN C 194 21.45 12.07 -26.65
C GLN C 194 20.85 12.05 -25.25
N LEU C 195 19.91 12.93 -24.93
CA LEU C 195 19.25 12.83 -23.62
C LEU C 195 18.19 11.74 -23.69
N PRO C 196 18.24 10.79 -22.76
CA PRO C 196 17.17 9.81 -22.70
C PRO C 196 15.93 10.46 -22.20
N VAL C 197 14.78 10.04 -22.70
CA VAL C 197 13.56 10.50 -22.03
C VAL C 197 13.39 10.02 -20.58
N LYS C 198 12.47 10.69 -19.90
CA LYS C 198 12.00 10.29 -18.60
C LYS C 198 11.60 8.81 -18.59
N ASP C 199 11.71 8.28 -17.40
CA ASP C 199 11.51 6.89 -17.14
C ASP C 199 10.22 6.64 -16.36
N TYR C 200 9.48 5.61 -16.69
CA TYR C 200 8.37 5.34 -15.85
C TYR C 200 8.68 4.17 -14.90
N VAL C 201 8.16 4.22 -13.66
CA VAL C 201 8.16 3.01 -12.84
C VAL C 201 7.28 1.95 -13.52
N GLN C 202 7.80 0.72 -13.57
CA GLN C 202 7.20 -0.29 -14.42
C GLN C 202 6.17 -1.01 -13.61
N THR C 203 4.93 -0.57 -13.74
CA THR C 203 3.92 -0.92 -12.74
C THR C 203 3.72 -2.42 -12.59
N VAL C 204 3.65 -3.19 -13.69
CA VAL C 204 3.31 -4.62 -13.46
C VAL C 204 4.45 -5.28 -12.73
N ASN C 205 5.66 -4.70 -12.86
CA ASN C 205 6.80 -5.16 -12.14
C ASN C 205 6.69 -4.91 -10.67
N VAL C 206 6.24 -3.71 -10.31
CA VAL C 206 6.03 -3.42 -8.89
C VAL C 206 4.98 -4.38 -8.33
N ILE C 207 3.90 -4.63 -9.09
CA ILE C 207 2.86 -5.51 -8.59
C ILE C 207 3.47 -6.87 -8.28
N ALA C 208 4.32 -7.30 -9.21
CA ALA C 208 4.92 -8.59 -9.10
C ALA C 208 5.79 -8.69 -7.83
N TRP C 209 6.56 -7.65 -7.55
CA TRP C 209 7.44 -7.66 -6.38
C TRP C 209 6.60 -7.62 -5.10
N LEU C 210 5.43 -6.99 -5.18
CA LEU C 210 4.51 -6.93 -4.06
C LEU C 210 3.96 -8.34 -3.80
N TYR C 211 3.60 -9.09 -4.85
CA TYR C 211 3.32 -10.50 -4.64
C TYR C 211 4.52 -11.30 -4.10
N ALA C 212 5.72 -11.06 -4.62
CA ALA C 212 6.85 -11.72 -4.02
C ALA C 212 6.85 -11.44 -2.52
N ALA C 213 6.68 -10.17 -2.17
CA ALA C 213 6.65 -9.83 -0.74
C ALA C 213 5.58 -10.63 0.00
N ILE C 214 4.35 -10.64 -0.49
CA ILE C 214 3.29 -11.33 0.22
C ILE C 214 3.81 -12.77 0.47
N LEU C 215 4.23 -13.39 -0.63
CA LEU C 215 4.68 -14.76 -0.61
C LEU C 215 5.79 -14.97 0.38
N ASN C 216 6.45 -13.92 0.80
CA ASN C 216 7.60 -14.03 1.66
C ASN C 216 7.25 -13.42 2.98
N ASN C 217 5.96 -13.49 3.29
CA ASN C 217 5.38 -13.13 4.60
C ASN C 217 5.72 -11.73 4.96
N CYS C 218 5.36 -10.84 4.06
CA CYS C 218 5.50 -9.40 4.29
C CYS C 218 4.39 -8.65 3.54
N ALA C 219 3.24 -8.54 4.18
CA ALA C 219 2.05 -8.00 3.57
C ALA C 219 1.48 -6.79 4.30
N TRP C 220 2.31 -6.14 5.11
CA TRP C 220 1.85 -5.04 5.95
C TRP C 220 1.06 -3.92 5.20
N PHE C 221 1.46 -3.68 3.96
CA PHE C 221 0.83 -2.72 3.07
C PHE C 221 -0.49 -3.20 2.50
N VAL C 222 -0.93 -4.41 2.79
CA VAL C 222 -2.16 -4.85 2.09
C VAL C 222 -3.35 -4.43 2.92
N GLN C 223 -4.23 -3.61 2.37
CA GLN C 223 -5.34 -3.15 3.15
C GLN C 223 -6.64 -3.49 2.47
N ASN C 224 -7.69 -2.78 2.78
CA ASN C 224 -8.98 -3.15 2.20
C ASN C 224 -9.48 -2.21 1.14
N ASP C 225 -8.65 -1.25 0.75
CA ASP C 225 -9.00 -0.40 -0.38
C ASP C 225 -8.64 -1.09 -1.67
N VAL C 226 -9.32 -0.68 -2.72
CA VAL C 226 -9.21 -1.34 -3.96
C VAL C 226 -9.10 -0.29 -5.03
N CYS C 227 -8.39 -0.56 -6.10
CA CYS C 227 -8.35 0.40 -7.20
C CYS C 227 -8.40 -0.31 -8.56
N SER C 228 -9.36 0.08 -9.39
CA SER C 228 -9.51 -0.49 -10.73
C SER C 228 -8.32 -0.12 -11.63
N THR C 229 -8.08 -0.96 -12.60
CA THR C 229 -6.96 -0.74 -13.47
C THR C 229 -7.32 0.51 -14.30
N GLU C 230 -8.60 0.69 -14.58
CA GLU C 230 -9.02 1.90 -15.28
C GLU C 230 -8.62 3.19 -14.52
N ASP C 231 -8.98 3.29 -13.24
CA ASP C 231 -8.67 4.46 -12.46
C ASP C 231 -7.19 4.62 -12.16
N PHE C 232 -6.50 3.49 -11.96
CA PHE C 232 -5.06 3.55 -11.76
C PHE C 232 -4.42 4.14 -12.98
N ASN C 233 -4.87 3.72 -14.15
CA ASN C 233 -4.15 4.14 -15.32
C ASN C 233 -4.16 5.64 -15.53
N VAL C 234 -5.38 6.20 -15.59
CA VAL C 234 -5.66 7.63 -15.39
C VAL C 234 -4.72 8.32 -14.40
N TRP C 235 -4.57 7.75 -13.21
CA TRP C 235 -3.65 8.31 -12.21
C TRP C 235 -2.16 8.20 -12.58
N ALA C 236 -1.82 7.08 -13.24
CA ALA C 236 -0.46 6.61 -13.43
C ALA C 236 0.37 7.57 -14.30
N MET C 237 -0.19 7.93 -15.47
CA MET C 237 0.29 9.04 -16.33
C MET C 237 0.84 10.19 -15.47
N ALA C 238 -0.09 10.86 -14.76
CA ALA C 238 0.22 11.98 -13.87
C ALA C 238 1.31 11.73 -12.82
N ASN C 239 1.53 10.48 -12.40
CA ASN C 239 2.49 10.21 -11.28
C ASN C 239 3.80 9.41 -11.47
N GLY C 240 4.16 9.11 -12.72
CA GLY C 240 5.44 8.44 -13.02
C GLY C 240 5.37 6.95 -13.12
N PHE C 241 4.18 6.42 -13.39
CA PHE C 241 3.94 5.00 -13.50
C PHE C 241 3.51 4.68 -14.87
N SER C 242 4.06 3.58 -15.39
CA SER C 242 3.60 3.03 -16.65
C SER C 242 2.15 2.54 -16.55
N GLN C 243 1.46 2.44 -17.69
CA GLN C 243 0.08 1.90 -17.75
C GLN C 243 0.04 0.44 -17.32
N VAL C 244 -1.03 0.01 -16.65
CA VAL C 244 -1.12 -1.39 -16.32
C VAL C 244 -1.87 -2.05 -17.45
N LYS C 245 -1.40 -3.23 -17.85
CA LYS C 245 -2.01 -4.03 -18.90
C LYS C 245 -2.30 -5.43 -18.38
N ALA C 246 -3.35 -6.07 -18.91
CA ALA C 246 -3.70 -7.44 -18.51
C ALA C 246 -2.45 -8.31 -18.56
N ASP C 247 -2.35 -9.24 -17.63
CA ASP C 247 -1.11 -9.98 -17.42
C ASP C 247 -1.43 -11.31 -16.76
N LEU C 248 -1.28 -12.39 -17.51
CA LEU C 248 -1.62 -13.74 -17.01
C LEU C 248 -0.80 -14.16 -15.82
N VAL C 249 0.46 -13.76 -15.77
CA VAL C 249 1.27 -14.15 -14.62
C VAL C 249 0.73 -13.49 -13.32
N LEU C 250 0.44 -12.19 -13.37
CA LEU C 250 -0.17 -11.54 -12.22
C LEU C 250 -1.46 -12.28 -11.85
N ASP C 251 -2.30 -12.55 -12.87
CA ASP C 251 -3.48 -13.40 -12.60
C ASP C 251 -3.14 -14.65 -11.81
N ALA C 252 -2.04 -15.30 -12.20
CA ALA C 252 -1.59 -16.49 -11.51
C ALA C 252 -1.05 -16.16 -10.14
N LEU C 253 -0.29 -15.07 -10.00
CA LEU C 253 0.03 -14.61 -8.64
C LEU C 253 -1.19 -14.22 -7.77
N ALA C 254 -2.26 -13.75 -8.41
CA ALA C 254 -3.43 -13.37 -7.61
C ALA C 254 -4.05 -14.66 -7.09
N SER C 255 -4.05 -15.67 -7.98
CA SER C 255 -4.53 -16.98 -7.58
C SER C 255 -3.70 -17.51 -6.42
N MET C 256 -2.38 -17.55 -6.57
CA MET C 256 -1.55 -18.16 -5.51
C MET C 256 -1.84 -17.58 -4.14
N THR C 257 -1.94 -16.25 -4.05
CA THR C 257 -1.89 -15.52 -2.79
C THR C 257 -3.26 -15.08 -2.26
N GLY C 258 -4.30 -15.10 -3.10
CA GLY C 258 -5.60 -14.51 -2.69
C GLY C 258 -5.73 -12.97 -2.86
N VAL C 259 -4.66 -12.29 -3.21
CA VAL C 259 -4.68 -10.86 -3.15
C VAL C 259 -4.82 -10.36 -4.57
N SER C 260 -5.92 -9.65 -4.79
CA SER C 260 -6.25 -9.29 -6.15
C SER C 260 -5.30 -8.23 -6.63
N ILE C 261 -5.20 -8.10 -7.94
CA ILE C 261 -4.46 -7.01 -8.52
C ILE C 261 -4.94 -5.65 -7.97
N GLU C 262 -6.25 -5.46 -7.92
CA GLU C 262 -6.83 -4.18 -7.55
C GLU C 262 -6.41 -3.76 -6.15
N THR C 263 -6.34 -4.70 -5.23
CA THR C 263 -5.80 -4.44 -3.87
C THR C 263 -4.40 -3.82 -3.93
N LEU C 264 -3.61 -4.29 -4.91
CA LEU C 264 -2.22 -3.92 -5.01
C LEU C 264 -2.04 -2.58 -5.70
N LEU C 265 -2.97 -2.28 -6.61
CA LEU C 265 -3.05 -0.92 -7.15
C LEU C 265 -3.30 0.17 -6.04
N ALA C 266 -4.21 -0.13 -5.11
CA ALA C 266 -4.46 0.77 -3.98
C ALA C 266 -3.18 0.93 -3.17
N ALA C 267 -2.54 -0.20 -2.84
CA ALA C 267 -1.30 -0.16 -2.05
C ALA C 267 -0.28 0.72 -2.76
N ILE C 268 -0.18 0.58 -4.07
CA ILE C 268 0.74 1.41 -4.78
C ILE C 268 0.43 2.94 -4.59
N LYS C 269 -0.82 3.37 -4.83
CA LYS C 269 -1.21 4.78 -4.62
C LYS C 269 -0.88 5.25 -3.22
N ARG C 270 -1.24 4.49 -2.19
CA ARG C 270 -0.75 4.83 -0.83
C ARG C 270 0.78 4.93 -0.72
N LEU C 271 1.47 3.84 -1.06
CA LEU C 271 2.93 3.77 -0.88
C LEU C 271 3.69 4.83 -1.60
N TYR C 272 3.10 5.38 -2.66
CA TYR C 272 3.66 6.47 -3.42
C TYR C 272 3.82 7.71 -2.57
N MET C 273 3.08 7.79 -1.47
CA MET C 273 3.31 8.89 -0.54
C MET C 273 4.54 8.75 0.37
N GLY C 274 5.34 7.69 0.13
CA GLY C 274 6.49 7.30 0.98
C GLY C 274 6.13 6.08 1.85
N PHE C 275 7.17 5.38 2.34
CA PHE C 275 7.04 4.13 3.12
C PHE C 275 7.12 4.34 4.64
N GLN C 276 7.48 5.55 5.09
CA GLN C 276 7.74 5.86 6.52
C GLN C 276 8.85 5.03 7.15
N GLY C 277 9.93 4.83 6.40
CA GLY C 277 11.01 3.92 6.81
C GLY C 277 10.57 2.51 7.23
N ARG C 278 9.31 2.12 6.95
CA ARG C 278 8.97 0.71 6.95
C ARG C 278 9.69 0.21 5.71
N GLN C 279 10.20 -1.01 5.78
CA GLN C 279 10.78 -1.62 4.60
C GLN C 279 9.84 -2.68 3.93
N ILE C 280 9.96 -2.87 2.62
CA ILE C 280 9.41 -4.06 1.94
C ILE C 280 10.56 -4.81 1.29
N LEU C 281 10.79 -6.06 1.73
CA LEU C 281 11.91 -6.90 1.27
C LEU C 281 13.21 -6.15 1.36
N GLY C 282 13.49 -5.64 2.57
CA GLY C 282 14.67 -4.85 2.88
C GLY C 282 14.90 -3.61 2.03
N SER C 283 13.83 -2.99 1.56
CA SER C 283 13.93 -1.90 0.60
C SER C 283 12.96 -0.72 0.92
N CYS C 284 13.29 0.46 0.42
CA CYS C 284 12.54 1.66 0.78
C CYS C 284 11.90 2.32 -0.41
N THR C 285 12.23 1.89 -1.61
CA THR C 285 11.68 2.47 -2.81
C THR C 285 10.89 1.34 -3.42
N PHE C 286 10.11 1.66 -4.45
CA PHE C 286 9.58 0.67 -5.33
C PHE C 286 10.72 -0.05 -6.07
N GLU C 287 10.56 -1.37 -6.20
CA GLU C 287 11.46 -2.24 -6.90
C GLU C 287 10.70 -2.60 -8.13
N ASP C 288 11.28 -2.36 -9.30
CA ASP C 288 10.58 -2.66 -10.54
C ASP C 288 11.45 -3.37 -11.55
N GLU C 289 12.55 -3.92 -11.04
CA GLU C 289 13.48 -4.58 -11.96
C GLU C 289 13.11 -6.05 -12.25
N LEU C 290 12.17 -6.60 -11.49
CA LEU C 290 11.70 -7.99 -11.69
C LEU C 290 10.39 -8.06 -12.43
N ALA C 291 10.36 -8.80 -13.54
CA ALA C 291 9.08 -9.04 -14.23
C ALA C 291 8.23 -10.07 -13.46
N PRO C 292 6.91 -10.10 -13.74
CA PRO C 292 6.05 -11.17 -13.24
C PRO C 292 6.65 -12.58 -13.44
N SER C 293 7.08 -12.88 -14.66
CA SER C 293 7.56 -14.22 -14.98
C SER C 293 8.77 -14.47 -14.15
N ASP C 294 9.55 -13.43 -13.81
CA ASP C 294 10.72 -13.65 -12.92
C ASP C 294 10.28 -14.16 -11.52
N VAL C 295 9.41 -13.40 -10.83
CA VAL C 295 8.93 -13.73 -9.48
C VAL C 295 8.28 -15.12 -9.50
N TYR C 296 7.54 -15.41 -10.57
CA TYR C 296 6.81 -16.63 -10.72
C TYR C 296 7.71 -17.85 -10.85
N GLN C 297 8.58 -17.85 -11.87
CA GLN C 297 9.59 -18.85 -12.04
C GLN C 297 10.17 -19.19 -10.67
N GLN C 298 10.47 -18.18 -9.86
CA GLN C 298 11.27 -18.32 -8.64
C GLN C 298 10.47 -18.78 -7.46
N LEU C 299 9.21 -18.41 -7.40
CA LEU C 299 8.46 -18.72 -6.21
C LEU C 299 7.56 -19.92 -6.37
N ALA C 300 7.02 -20.13 -7.55
CA ALA C 300 6.29 -21.34 -7.85
C ALA C 300 7.11 -22.37 -8.66
N GLY C 301 8.00 -21.96 -9.58
CA GLY C 301 8.69 -22.91 -10.50
C GLY C 301 8.48 -22.62 -12.00
CA SER D 3 -45.34 -19.31 30.66
C SER D 3 -44.42 -18.44 29.75
N GLY D 4 -44.61 -17.10 29.83
CA GLY D 4 -43.69 -16.03 29.30
C GLY D 4 -43.99 -15.47 27.91
N ILE D 5 -43.41 -14.32 27.56
CA ILE D 5 -43.37 -13.86 26.16
C ILE D 5 -42.05 -13.17 25.82
N VAL D 6 -41.59 -13.41 24.60
CA VAL D 6 -40.29 -12.95 24.15
C VAL D 6 -40.44 -12.61 22.68
N LYS D 7 -39.49 -11.84 22.16
CA LYS D 7 -39.39 -11.66 20.72
C LYS D 7 -38.74 -12.93 20.16
N MET D 8 -39.59 -13.88 19.76
CA MET D 8 -39.20 -15.15 19.15
C MET D 8 -38.73 -15.00 17.68
N VAL D 9 -37.45 -15.24 17.46
CA VAL D 9 -36.89 -15.17 16.11
C VAL D 9 -37.09 -16.54 15.40
N SER D 10 -37.49 -16.56 14.12
CA SER D 10 -37.54 -17.85 13.38
C SER D 10 -36.13 -18.48 13.28
N PRO D 11 -36.03 -19.81 13.24
CA PRO D 11 -34.71 -20.39 12.91
C PRO D 11 -34.11 -19.94 11.55
N THR D 12 -32.77 -20.04 11.45
CA THR D 12 -32.03 -19.46 10.33
C THR D 12 -31.43 -20.52 9.38
N SER D 13 -31.56 -21.80 9.70
CA SER D 13 -30.80 -22.86 8.96
C SER D 13 -31.17 -22.91 7.48
N LYS D 14 -32.46 -22.79 7.17
CA LYS D 14 -32.85 -22.74 5.78
C LYS D 14 -32.36 -21.46 5.13
N ILE D 15 -32.04 -20.40 5.90
CA ILE D 15 -31.71 -19.15 5.20
C ILE D 15 -30.22 -19.04 5.07
N GLU D 16 -29.49 -19.51 6.08
CA GLU D 16 -28.02 -19.34 6.06
C GLU D 16 -27.32 -19.80 4.78
N PRO D 17 -27.61 -21.03 4.32
CA PRO D 17 -26.88 -21.47 3.12
C PRO D 17 -27.19 -20.65 1.88
N CYS D 18 -28.24 -19.87 1.92
CA CYS D 18 -28.50 -18.93 0.83
C CYS D 18 -27.75 -17.59 0.85
N ILE D 19 -26.94 -17.31 1.86
CA ILE D 19 -26.38 -15.99 1.97
C ILE D 19 -25.02 -15.90 1.30
N VAL D 20 -24.95 -15.04 0.29
CA VAL D 20 -23.76 -14.83 -0.48
C VAL D 20 -23.19 -13.41 -0.32
N SER D 21 -21.91 -13.24 -0.61
CA SER D 21 -21.36 -11.87 -0.72
C SER D 21 -21.39 -11.42 -2.16
N VAL D 22 -21.68 -10.13 -2.39
CA VAL D 22 -21.58 -9.54 -3.70
C VAL D 22 -20.68 -8.29 -3.70
N THR D 23 -19.71 -8.28 -4.64
CA THR D 23 -18.72 -7.20 -4.85
C THR D 23 -18.69 -6.73 -6.29
N TYR D 24 -18.49 -5.43 -6.48
CA TYR D 24 -18.32 -4.88 -7.79
C TYR D 24 -17.51 -3.62 -7.66
N GLY D 25 -16.25 -3.67 -8.07
CA GLY D 25 -15.45 -2.45 -7.99
C GLY D 25 -15.16 -2.38 -6.52
N SER D 26 -15.69 -1.37 -5.84
CA SER D 26 -15.30 -1.13 -4.45
C SER D 26 -16.16 -1.83 -3.43
N MET D 27 -17.48 -1.75 -3.60
CA MET D 27 -18.47 -2.17 -2.54
C MET D 27 -18.51 -3.66 -2.42
N THR D 28 -18.38 -4.16 -1.17
CA THR D 28 -18.86 -5.51 -0.82
C THR D 28 -20.11 -5.50 0.08
N LEU D 29 -21.21 -6.03 -0.41
CA LEU D 29 -22.39 -6.29 0.44
C LEU D 29 -22.94 -7.72 0.26
N ASN D 30 -24.21 -7.95 0.56
CA ASN D 30 -24.76 -9.30 0.74
C ASN D 30 -25.85 -9.58 -0.28
N GLY D 31 -26.00 -10.85 -0.67
CA GLY D 31 -27.08 -11.18 -1.57
C GLY D 31 -27.73 -12.42 -1.08
N LEU D 32 -28.85 -12.73 -1.71
CA LEU D 32 -29.61 -13.93 -1.44
C LEU D 32 -29.55 -14.79 -2.77
N TRP D 33 -29.10 -16.05 -2.67
CA TRP D 33 -28.97 -17.01 -3.78
C TRP D 33 -30.06 -18.07 -3.69
N LEU D 34 -30.96 -18.09 -4.67
CA LEU D 34 -32.10 -18.99 -4.71
C LEU D 34 -32.16 -19.46 -6.18
N ASP D 35 -32.33 -20.77 -6.39
CA ASP D 35 -32.19 -21.37 -7.72
C ASP D 35 -30.88 -20.80 -8.30
N ASP D 36 -30.93 -20.29 -9.53
CA ASP D 36 -29.72 -19.75 -10.13
C ASP D 36 -29.71 -18.20 -10.19
N LYS D 37 -30.47 -17.56 -9.28
CA LYS D 37 -30.54 -16.12 -9.17
C LYS D 37 -29.91 -15.67 -7.85
N VAL D 38 -29.08 -14.61 -7.90
CA VAL D 38 -28.76 -13.87 -6.67
C VAL D 38 -29.31 -12.43 -6.61
N TYR D 39 -30.06 -12.10 -5.54
CA TYR D 39 -30.65 -10.77 -5.43
C TYR D 39 -29.79 -9.92 -4.58
N CYS D 40 -29.69 -8.62 -4.93
CA CYS D 40 -28.91 -7.73 -4.09
C CYS D 40 -29.21 -6.26 -4.33
N PRO D 41 -28.85 -5.37 -3.39
CA PRO D 41 -29.13 -3.93 -3.70
C PRO D 41 -28.39 -3.47 -4.95
N ARG D 42 -29.07 -2.67 -5.80
CA ARG D 42 -28.40 -2.19 -7.00
C ARG D 42 -27.26 -1.26 -6.67
N HIS D 43 -27.29 -0.60 -5.51
CA HIS D 43 -26.20 0.30 -5.15
C HIS D 43 -24.83 -0.38 -5.06
N VAL D 44 -24.79 -1.71 -5.25
CA VAL D 44 -23.50 -2.44 -5.18
C VAL D 44 -22.56 -1.93 -6.27
N ILE D 45 -23.14 -1.30 -7.29
CA ILE D 45 -22.32 -0.81 -8.44
C ILE D 45 -21.80 0.65 -8.33
N CYS D 46 -22.13 1.35 -7.24
CA CYS D 46 -21.55 2.66 -6.89
C CYS D 46 -20.23 2.54 -6.11
N SER D 47 -19.38 3.54 -6.27
CA SER D 47 -18.28 3.81 -5.34
C SER D 47 -18.76 4.96 -4.44
N SER D 48 -18.06 5.19 -3.32
CA SER D 48 -18.17 6.49 -2.59
C SER D 48 -18.31 7.73 -3.55
N SER D 49 -17.34 7.97 -4.43
CA SER D 49 -17.43 9.06 -5.48
C SER D 49 -18.82 9.56 -6.01
N ASN D 50 -19.71 8.62 -6.25
CA ASN D 50 -21.06 8.95 -6.74
C ASN D 50 -22.11 8.58 -5.68
N MET D 51 -21.65 7.85 -4.63
CA MET D 51 -22.51 7.21 -3.56
C MET D 51 -23.50 8.12 -2.84
N ASN D 52 -23.39 9.43 -3.00
CA ASN D 52 -24.41 10.35 -2.46
C ASN D 52 -25.70 10.43 -3.27
N GLU D 53 -25.68 11.13 -4.40
CA GLU D 53 -26.69 10.88 -5.47
C GLU D 53 -26.03 10.12 -6.64
N PRO D 54 -26.32 8.78 -6.74
CA PRO D 54 -25.72 7.94 -7.78
C PRO D 54 -26.58 8.00 -9.03
N ASP D 55 -25.93 7.99 -10.22
CA ASP D 55 -26.66 7.82 -11.50
C ASP D 55 -26.78 6.31 -11.88
N TYR D 56 -27.98 5.76 -11.69
CA TYR D 56 -28.15 4.29 -11.77
C TYR D 56 -28.16 3.82 -13.21
N SER D 57 -29.17 4.26 -13.98
CA SER D 57 -29.27 3.94 -15.40
C SER D 57 -27.91 4.07 -16.14
N ALA D 58 -27.10 5.02 -15.70
CA ALA D 58 -25.79 5.26 -16.29
C ALA D 58 -24.66 4.39 -15.71
N LEU D 59 -24.74 4.01 -14.44
CA LEU D 59 -23.72 3.12 -13.87
C LEU D 59 -23.82 1.75 -14.55
N LEU D 60 -25.06 1.41 -14.93
CA LEU D 60 -25.40 0.12 -15.56
C LEU D 60 -24.59 -0.14 -16.81
N CYS D 61 -24.36 0.91 -17.58
CA CYS D 61 -23.77 0.79 -18.90
C CYS D 61 -22.34 0.36 -18.89
N ARG D 62 -21.62 0.79 -17.86
CA ARG D 62 -20.18 0.53 -17.75
C ARG D 62 -19.92 -0.86 -17.19
N VAL D 63 -20.99 -1.51 -16.72
CA VAL D 63 -20.96 -2.81 -16.06
C VAL D 63 -20.48 -3.95 -16.99
N THR D 64 -19.32 -4.49 -16.70
CA THR D 64 -18.89 -5.70 -17.36
C THR D 64 -18.92 -6.84 -16.33
N LEU D 65 -19.64 -7.90 -16.70
CA LEU D 65 -19.81 -9.12 -15.92
C LEU D 65 -18.61 -9.48 -15.03
N GLY D 66 -17.45 -9.70 -15.66
CA GLY D 66 -16.28 -10.21 -14.97
C GLY D 66 -15.90 -9.46 -13.69
N ASP D 67 -16.35 -8.21 -13.59
CA ASP D 67 -16.07 -7.39 -12.40
C ASP D 67 -16.92 -7.85 -11.20
N PHE D 68 -18.07 -8.50 -11.46
CA PHE D 68 -18.79 -9.20 -10.38
C PHE D 68 -18.05 -10.36 -9.74
N THR D 69 -18.22 -10.46 -8.43
CA THR D 69 -17.54 -11.40 -7.59
C THR D 69 -18.52 -11.85 -6.48
N ILE D 70 -18.94 -13.11 -6.57
CA ILE D 70 -19.99 -13.63 -5.72
C ILE D 70 -19.49 -14.87 -5.01
N MET D 71 -19.29 -14.75 -3.72
CA MET D 71 -18.77 -15.81 -2.91
C MET D 71 -19.90 -16.48 -2.14
N SER D 72 -19.94 -17.81 -2.22
CA SER D 72 -20.69 -18.60 -1.32
C SER D 72 -19.69 -19.45 -0.50
N GLY D 73 -19.39 -19.02 0.73
CA GLY D 73 -18.24 -19.56 1.49
C GLY D 73 -16.98 -19.25 0.70
N ARG D 74 -16.09 -20.24 0.54
CA ARG D 74 -14.95 -20.03 -0.37
C ARG D 74 -15.23 -20.35 -1.85
N MET D 75 -16.45 -20.76 -2.16
CA MET D 75 -16.86 -21.00 -3.54
C MET D 75 -17.14 -19.67 -4.23
N SER D 76 -17.22 -19.67 -5.54
CA SER D 76 -17.14 -18.43 -6.29
C SER D 76 -17.99 -18.57 -7.52
N LEU D 77 -19.19 -18.02 -7.54
CA LEU D 77 -20.13 -18.32 -8.62
C LEU D 77 -19.80 -17.51 -9.87
N THR D 78 -20.24 -18.01 -11.02
CA THR D 78 -19.95 -17.37 -12.29
C THR D 78 -21.21 -16.71 -12.71
N VAL D 79 -21.20 -15.39 -12.89
CA VAL D 79 -22.40 -14.69 -13.33
C VAL D 79 -22.60 -14.75 -14.84
N VAL D 80 -23.71 -15.39 -15.23
CA VAL D 80 -24.09 -15.54 -16.63
C VAL D 80 -24.58 -14.21 -17.12
N SER D 81 -25.75 -13.76 -16.63
CA SER D 81 -26.28 -12.44 -16.96
C SER D 81 -26.77 -11.64 -15.72
N TYR D 82 -27.39 -10.47 -15.94
CA TYR D 82 -27.87 -9.58 -14.86
C TYR D 82 -28.98 -8.63 -15.30
N GLN D 83 -29.95 -8.39 -14.43
CA GLN D 83 -30.84 -7.27 -14.67
C GLN D 83 -31.17 -6.36 -13.47
N MET D 84 -31.50 -5.11 -13.77
CA MET D 84 -31.86 -4.17 -12.74
C MET D 84 -33.33 -4.16 -12.60
N GLN D 85 -33.83 -4.49 -11.44
CA GLN D 85 -35.27 -4.45 -11.20
C GLN D 85 -35.50 -3.56 -9.97
N GLY D 86 -36.17 -2.41 -10.20
CA GLY D 86 -36.24 -1.27 -9.27
C GLY D 86 -34.87 -1.00 -8.66
N CYS D 87 -34.75 -1.24 -7.35
CA CYS D 87 -33.54 -0.97 -6.59
C CYS D 87 -32.67 -2.18 -6.23
N GLN D 88 -32.95 -3.32 -6.87
CA GLN D 88 -32.04 -4.46 -6.77
C GLN D 88 -31.44 -4.81 -8.13
N LEU D 89 -30.30 -5.49 -8.07
CA LEU D 89 -29.79 -6.30 -9.18
C LEU D 89 -30.23 -7.73 -9.01
N VAL D 90 -30.63 -8.38 -10.12
CA VAL D 90 -30.93 -9.80 -10.16
C VAL D 90 -29.92 -10.39 -11.10
N LEU D 91 -28.92 -11.04 -10.53
CA LEU D 91 -27.87 -11.65 -11.34
C LEU D 91 -28.09 -13.14 -11.49
N THR D 92 -28.02 -13.63 -12.73
CA THR D 92 -28.08 -15.04 -12.98
C THR D 92 -26.74 -15.71 -12.82
N VAL D 93 -26.67 -16.81 -12.09
CA VAL D 93 -25.39 -17.49 -12.06
C VAL D 93 -25.49 -18.82 -12.80
N SER D 94 -24.35 -19.42 -13.13
CA SER D 94 -24.41 -20.74 -13.81
C SER D 94 -24.85 -21.81 -12.84
N LEU D 95 -24.32 -21.78 -11.61
CA LEU D 95 -24.65 -22.80 -10.56
C LEU D 95 -25.93 -22.59 -9.77
N GLN D 96 -26.90 -23.45 -10.06
CA GLN D 96 -28.15 -23.61 -9.30
C GLN D 96 -27.86 -23.92 -7.81
N ASN D 97 -28.51 -23.22 -6.87
CA ASN D 97 -28.17 -23.39 -5.45
C ASN D 97 -28.79 -24.67 -4.88
N PRO D 98 -27.94 -25.64 -4.50
CA PRO D 98 -28.34 -26.97 -3.99
C PRO D 98 -29.22 -26.92 -2.70
N TYR D 99 -29.08 -25.84 -1.92
CA TYR D 99 -29.87 -25.64 -0.72
C TYR D 99 -30.99 -24.59 -0.83
N THR D 100 -31.44 -24.22 -2.04
CA THR D 100 -32.67 -23.45 -2.21
C THR D 100 -33.90 -24.03 -1.45
N PRO D 101 -34.38 -23.37 -0.38
CA PRO D 101 -35.63 -23.80 0.30
C PRO D 101 -36.78 -23.68 -0.64
N LYS D 102 -37.94 -24.25 -0.28
CA LYS D 102 -39.16 -23.93 -0.96
C LYS D 102 -39.48 -22.45 -0.54
N TYR D 103 -39.81 -21.54 -1.46
CA TYR D 103 -39.94 -20.15 -1.01
C TYR D 103 -40.92 -19.40 -1.83
N THR D 104 -41.48 -18.32 -1.28
CA THR D 104 -42.09 -17.31 -2.14
C THR D 104 -41.58 -15.91 -1.82
N PHE D 105 -42.10 -14.94 -2.56
CA PHE D 105 -41.81 -13.54 -2.33
C PHE D 105 -43.09 -12.86 -1.90
N GLY D 106 -42.98 -12.08 -0.83
CA GLY D 106 -44.11 -11.31 -0.43
C GLY D 106 -43.70 -10.01 0.15
N ASN D 107 -44.68 -9.40 0.76
CA ASN D 107 -44.66 -8.03 1.13
C ASN D 107 -45.38 -7.93 2.46
N VAL D 108 -44.73 -7.34 3.47
CA VAL D 108 -45.38 -7.14 4.76
C VAL D 108 -46.01 -5.75 4.80
N LYS D 109 -47.06 -5.68 5.62
CA LYS D 109 -47.83 -4.49 5.86
C LYS D 109 -47.56 -3.99 7.24
N PRO D 110 -47.91 -2.71 7.51
CA PRO D 110 -47.68 -2.28 8.90
C PRO D 110 -48.24 -3.23 9.97
N GLY D 111 -47.38 -3.51 10.96
CA GLY D 111 -47.75 -4.25 12.18
C GLY D 111 -47.34 -5.72 12.04
N GLU D 112 -47.27 -6.21 10.82
CA GLU D 112 -46.74 -7.52 10.54
C GLU D 112 -45.27 -7.58 10.90
N THR D 113 -44.90 -8.70 11.49
CA THR D 113 -43.55 -8.92 11.99
C THR D 113 -42.81 -9.97 11.14
N PHE D 114 -41.49 -10.01 11.25
CA PHE D 114 -40.69 -10.99 10.55
C PHE D 114 -39.33 -11.03 11.16
N THR D 115 -38.51 -11.97 10.72
CA THR D 115 -37.16 -12.09 11.20
C THR D 115 -36.15 -11.53 10.18
N VAL D 116 -35.12 -10.85 10.69
CA VAL D 116 -34.00 -10.39 9.85
C VAL D 116 -32.72 -11.18 10.16
N LEU D 117 -32.02 -11.62 9.12
CA LEU D 117 -30.73 -12.25 9.31
C LEU D 117 -29.71 -11.27 8.81
N ALA D 118 -29.01 -10.67 9.79
CA ALA D 118 -27.95 -9.74 9.53
C ALA D 118 -26.69 -10.51 9.14
N ALA D 119 -26.09 -10.06 8.03
CA ALA D 119 -24.92 -10.68 7.53
C ALA D 119 -23.93 -9.59 7.17
N TYR D 120 -22.68 -9.97 7.01
CA TYR D 120 -21.61 -9.05 6.71
C TYR D 120 -20.73 -9.86 5.84
N ASN D 121 -20.49 -9.39 4.63
CA ASN D 121 -19.48 -9.99 3.83
C ASN D 121 -19.86 -11.40 3.44
N GLY D 122 -21.17 -11.64 3.33
CA GLY D 122 -21.76 -12.93 2.96
C GLY D 122 -21.96 -13.85 4.12
N ARG D 123 -21.57 -13.40 5.31
CA ARG D 123 -21.47 -14.25 6.48
C ARG D 123 -22.42 -13.84 7.62
N PRO D 124 -23.46 -14.64 7.85
CA PRO D 124 -24.51 -14.32 8.83
C PRO D 124 -23.94 -14.16 10.20
N GLN D 125 -24.49 -13.22 10.98
CA GLN D 125 -23.84 -12.76 12.20
C GLN D 125 -24.80 -12.80 13.32
N GLY D 126 -26.01 -12.32 13.10
CA GLY D 126 -27.09 -12.54 14.05
C GLY D 126 -28.48 -12.39 13.38
N ALA D 127 -29.50 -12.52 14.16
CA ALA D 127 -30.83 -12.44 13.59
C ALA D 127 -31.68 -11.87 14.65
N PHE D 128 -32.70 -11.16 14.23
CA PHE D 128 -33.59 -10.51 15.22
C PHE D 128 -34.98 -10.37 14.68
N HIS D 129 -35.93 -10.13 15.57
CA HIS D 129 -37.35 -10.07 15.21
C HIS D 129 -37.77 -8.59 15.09
N VAL D 130 -38.42 -8.21 14.01
CA VAL D 130 -38.92 -6.83 13.85
C VAL D 130 -40.38 -6.74 13.43
N THR D 131 -40.91 -5.52 13.53
CA THR D 131 -42.23 -5.15 13.15
C THR D 131 -42.10 -4.08 12.12
N MET D 132 -42.85 -4.18 11.00
CA MET D 132 -42.93 -3.10 10.01
C MET D 132 -43.79 -2.00 10.62
N ARG D 133 -43.29 -0.76 10.62
CA ARG D 133 -44.00 0.35 11.26
C ARG D 133 -44.88 1.04 10.22
N SER D 134 -45.82 1.86 10.67
CA SER D 134 -46.63 2.72 9.76
C SER D 134 -45.82 3.47 8.74
N SER D 135 -44.65 3.92 9.19
CA SER D 135 -43.74 4.74 8.41
C SER D 135 -43.02 3.92 7.39
N TYR D 136 -43.34 2.63 7.33
CA TYR D 136 -42.68 1.69 6.41
C TYR D 136 -41.18 1.66 6.69
N THR D 137 -40.89 1.71 7.99
CA THR D 137 -39.55 1.48 8.51
C THR D 137 -39.53 0.43 9.59
N ILE D 138 -38.37 -0.15 9.84
CA ILE D 138 -38.19 -1.05 11.01
C ILE D 138 -37.09 -0.57 11.99
N LYS D 139 -37.14 -1.03 13.23
CA LYS D 139 -36.12 -0.75 14.25
C LYS D 139 -35.12 -1.90 14.30
N GLY D 140 -34.09 -1.84 13.44
CA GLY D 140 -33.10 -2.90 13.41
C GLY D 140 -31.80 -2.54 14.04
N SER D 141 -30.81 -3.42 13.82
CA SER D 141 -29.52 -3.16 14.32
C SER D 141 -28.63 -3.40 13.17
N PHE D 142 -28.15 -2.33 12.56
CA PHE D 142 -27.41 -2.47 11.29
C PHE D 142 -26.12 -1.66 11.20
N LEU D 143 -25.00 -2.32 10.86
CA LEU D 143 -23.79 -1.54 10.62
C LEU D 143 -23.54 -1.40 9.11
N CYS D 144 -22.56 -0.57 8.73
CA CYS D 144 -22.01 -0.61 7.35
C CYS D 144 -21.65 -2.04 6.96
N GLY D 145 -21.92 -2.36 5.71
CA GLY D 145 -21.75 -3.70 5.21
C GLY D 145 -23.00 -4.54 5.41
N SER D 146 -24.07 -4.07 6.04
CA SER D 146 -25.15 -5.02 6.24
C SER D 146 -26.15 -5.11 5.07
N CYS D 147 -25.98 -4.33 4.01
CA CYS D 147 -27.06 -4.31 3.03
C CYS D 147 -27.26 -5.60 2.27
N GLY D 148 -28.53 -5.92 1.97
CA GLY D 148 -28.79 -7.20 1.35
C GLY D 148 -29.00 -8.29 2.37
N SER D 149 -28.82 -7.98 3.69
CA SER D 149 -29.33 -8.88 4.74
C SER D 149 -30.85 -8.94 4.52
N VAL D 150 -31.43 -10.12 4.78
CA VAL D 150 -32.77 -10.37 4.35
C VAL D 150 -33.72 -10.57 5.53
N GLY D 151 -34.94 -10.08 5.36
CA GLY D 151 -35.99 -10.43 6.28
C GLY D 151 -36.95 -11.44 5.67
N TYR D 152 -37.51 -12.26 6.54
CA TYR D 152 -38.37 -13.27 6.04
C TYR D 152 -39.25 -13.86 7.17
N VAL D 153 -40.31 -14.54 6.75
CA VAL D 153 -41.18 -15.26 7.66
C VAL D 153 -41.29 -16.75 7.26
N LEU D 154 -41.41 -17.64 8.24
CA LEU D 154 -41.66 -19.08 8.00
C LEU D 154 -43.16 -19.35 8.04
N THR D 155 -43.73 -19.73 6.90
CA THR D 155 -45.13 -20.11 6.82
C THR D 155 -45.13 -21.54 6.34
N GLY D 156 -45.20 -22.46 7.30
CA GLY D 156 -45.40 -23.87 7.05
C GLY D 156 -44.05 -24.38 6.65
N ASP D 157 -44.08 -25.16 5.57
CA ASP D 157 -42.90 -25.80 5.00
C ASP D 157 -42.18 -24.80 4.07
N SER D 158 -42.61 -23.55 4.13
CA SER D 158 -42.14 -22.55 3.20
C SER D 158 -41.55 -21.27 3.83
N VAL D 159 -40.58 -20.66 3.14
CA VAL D 159 -40.00 -19.33 3.45
C VAL D 159 -40.58 -18.20 2.56
N LYS D 160 -41.25 -17.25 3.18
CA LYS D 160 -41.70 -16.06 2.51
C LYS D 160 -40.65 -14.96 2.72
N PHE D 161 -39.83 -14.73 1.70
CA PHE D 161 -38.94 -13.58 1.65
C PHE D 161 -39.64 -12.26 1.39
N VAL D 162 -39.25 -11.27 2.17
CA VAL D 162 -40.12 -10.15 2.43
C VAL D 162 -39.36 -8.79 2.49
N TYR D 163 -38.07 -8.85 2.70
CA TYR D 163 -37.32 -7.70 3.00
C TYR D 163 -35.87 -7.79 2.57
N MET D 164 -35.28 -6.63 2.16
CA MET D 164 -33.84 -6.56 1.79
C MET D 164 -33.33 -5.27 2.27
N HIS D 165 -32.34 -5.31 3.16
CA HIS D 165 -32.08 -4.08 3.88
C HIS D 165 -31.29 -3.15 2.98
N GLN D 166 -31.52 -1.81 3.11
CA GLN D 166 -30.70 -0.90 2.28
C GLN D 166 -30.34 0.43 2.92
N LEU D 167 -31.16 0.88 3.87
CA LEU D 167 -31.16 2.29 4.21
C LEU D 167 -31.32 2.54 5.69
N GLU D 168 -30.50 3.41 6.24
CA GLU D 168 -30.70 3.91 7.63
C GLU D 168 -31.15 5.34 7.48
N LEU D 169 -32.37 5.62 7.90
CA LEU D 169 -32.83 7.01 7.98
C LEU D 169 -32.18 7.83 9.09
N SER D 170 -32.14 9.13 8.87
CA SER D 170 -31.79 10.17 9.89
C SER D 170 -32.40 10.01 11.28
N THR D 171 -33.55 9.38 11.41
CA THR D 171 -34.09 9.06 12.73
C THR D 171 -33.48 7.85 13.47
N GLY D 172 -32.58 7.09 12.84
CA GLY D 172 -32.03 5.88 13.49
C GLY D 172 -32.78 4.59 13.13
N CYS D 173 -33.92 4.73 12.46
CA CYS D 173 -34.63 3.56 12.03
C CYS D 173 -34.25 3.16 10.59
N HIS D 174 -34.71 1.99 10.18
CA HIS D 174 -34.15 1.37 8.97
C HIS D 174 -35.18 1.03 7.87
N THR D 175 -34.76 0.94 6.61
CA THR D 175 -35.73 0.46 5.63
C THR D 175 -35.05 -0.24 4.45
N GLY D 176 -35.87 -0.83 3.57
CA GLY D 176 -35.36 -1.48 2.39
C GLY D 176 -36.44 -1.88 1.41
N THR D 177 -36.14 -2.93 0.60
CA THR D 177 -36.96 -3.32 -0.54
C THR D 177 -37.55 -4.69 -0.34
N ASP D 178 -38.69 -4.94 -0.97
CA ASP D 178 -39.21 -6.26 -1.06
C ASP D 178 -38.52 -6.83 -2.28
N PHE D 179 -38.86 -8.05 -2.68
CA PHE D 179 -38.02 -8.73 -3.67
C PHE D 179 -38.37 -8.50 -5.13
N THR D 180 -39.34 -7.61 -5.37
CA THR D 180 -39.57 -7.08 -6.73
C THR D 180 -38.73 -5.87 -6.91
N GLY D 181 -37.86 -5.61 -5.94
CA GLY D 181 -36.92 -4.47 -6.03
C GLY D 181 -37.56 -3.13 -5.68
N ASN D 182 -38.77 -3.19 -5.16
CA ASN D 182 -39.47 -2.01 -4.76
C ASN D 182 -39.35 -1.61 -3.26
N PHE D 183 -39.10 -0.32 -2.98
CA PHE D 183 -38.96 0.16 -1.59
C PHE D 183 -40.28 0.17 -0.93
N TYR D 184 -40.33 -0.26 0.32
CA TYR D 184 -41.45 0.03 1.24
C TYR D 184 -41.57 1.51 1.40
N GLY D 185 -42.80 2.01 1.58
CA GLY D 185 -43.09 3.45 1.65
C GLY D 185 -42.48 4.25 0.49
N PRO D 186 -42.12 5.52 0.75
CA PRO D 186 -41.66 6.46 -0.26
C PRO D 186 -40.14 6.55 -0.37
N TYR D 187 -39.41 5.64 0.29
CA TYR D 187 -37.94 5.71 0.32
C TYR D 187 -37.25 5.36 -0.95
N ARG D 188 -35.91 5.62 -0.95
CA ARG D 188 -35.13 5.50 -2.19
C ARG D 188 -33.65 5.38 -1.91
N ASP D 189 -32.94 4.72 -2.80
CA ASP D 189 -31.52 4.48 -2.60
C ASP D 189 -30.65 5.66 -2.94
N ALA D 190 -30.78 6.71 -2.14
CA ALA D 190 -29.91 7.89 -2.25
C ALA D 190 -29.68 8.50 -0.86
N GLN D 191 -28.46 8.99 -0.63
CA GLN D 191 -28.07 9.57 0.64
C GLN D 191 -28.57 11.02 0.78
N VAL D 192 -29.88 11.18 0.63
CA VAL D 192 -30.48 12.49 0.70
C VAL D 192 -31.48 12.53 1.83
N VAL D 193 -31.79 13.73 2.31
CA VAL D 193 -32.83 13.92 3.34
C VAL D 193 -34.13 13.17 2.96
N GLN D 194 -34.61 12.37 3.88
CA GLN D 194 -35.86 11.61 3.71
C GLN D 194 -36.48 11.61 5.09
N LEU D 195 -37.51 12.41 5.34
CA LEU D 195 -38.10 12.39 6.67
C LEU D 195 -39.14 11.31 6.69
N PRO D 196 -39.03 10.39 7.64
CA PRO D 196 -40.10 9.41 7.74
C PRO D 196 -41.32 10.08 8.28
N VAL D 197 -42.44 9.68 7.72
CA VAL D 197 -43.72 10.08 8.25
C VAL D 197 -43.98 9.57 9.69
N LYS D 198 -44.96 10.18 10.33
CA LYS D 198 -45.35 9.79 11.69
C LYS D 198 -45.77 8.32 11.73
N ASP D 199 -45.63 7.80 12.93
CA ASP D 199 -45.83 6.42 13.20
C ASP D 199 -47.11 6.17 14.00
N TYR D 200 -47.86 5.15 13.65
CA TYR D 200 -48.97 4.85 14.49
C TYR D 200 -48.66 3.69 15.44
N VAL D 201 -49.16 3.74 16.67
CA VAL D 201 -49.20 2.52 17.49
C VAL D 201 -50.09 1.47 16.79
N GLN D 202 -49.60 0.24 16.77
CA GLN D 202 -50.20 -0.77 15.94
C GLN D 202 -51.19 -1.53 16.76
N THR D 203 -52.46 -1.17 16.60
CA THR D 203 -53.45 -1.52 17.62
C THR D 203 -53.67 -3.04 17.82
N VAL D 204 -53.77 -3.82 16.73
CA VAL D 204 -54.10 -5.26 16.92
C VAL D 204 -52.98 -5.93 17.67
N ASN D 205 -51.79 -5.31 17.57
CA ASN D 205 -50.64 -5.80 18.25
C ASN D 205 -50.69 -5.51 19.71
N VAL D 206 -51.14 -4.32 20.05
CA VAL D 206 -51.34 -3.99 21.44
C VAL D 206 -52.38 -4.91 22.03
N ILE D 207 -53.46 -5.15 21.28
CA ILE D 207 -54.51 -6.00 21.81
C ILE D 207 -53.88 -7.38 22.07
N ALA D 208 -53.04 -7.81 21.13
CA ALA D 208 -52.40 -9.08 21.26
C ALA D 208 -51.54 -9.14 22.53
N TRP D 209 -50.76 -8.10 22.79
CA TRP D 209 -49.90 -8.10 23.98
C TRP D 209 -50.74 -8.09 25.24
N LEU D 210 -51.90 -7.47 25.15
CA LEU D 210 -52.85 -7.45 26.25
C LEU D 210 -53.41 -8.85 26.48
N TYR D 211 -53.79 -9.56 25.41
CA TYR D 211 -54.15 -10.97 25.58
C TYR D 211 -52.91 -11.78 26.16
N ALA D 212 -51.69 -11.52 25.69
CA ALA D 212 -50.56 -12.18 26.33
C ALA D 212 -50.53 -11.90 27.83
N ALA D 213 -50.70 -10.63 28.19
CA ALA D 213 -50.73 -10.30 29.62
C ALA D 213 -51.80 -11.08 30.36
N ILE D 214 -53.01 -11.13 29.83
CA ILE D 214 -54.05 -11.83 30.55
C ILE D 214 -53.53 -13.29 30.79
N LEU D 215 -53.12 -13.93 29.71
CA LEU D 215 -52.67 -15.29 29.76
C LEU D 215 -51.54 -15.50 30.76
N ASN D 216 -50.89 -14.44 31.20
CA ASN D 216 -49.74 -14.58 32.07
C ASN D 216 -50.12 -13.94 33.39
N ASN D 217 -51.40 -14.04 33.72
CA ASN D 217 -51.97 -13.63 35.01
C ASN D 217 -51.60 -12.23 35.35
N CYS D 218 -51.99 -11.32 34.46
CA CYS D 218 -51.83 -9.87 34.68
C CYS D 218 -52.94 -9.15 33.91
N ALA D 219 -54.09 -9.07 34.55
CA ALA D 219 -55.28 -8.52 33.92
C ALA D 219 -55.87 -7.31 34.67
N TRP D 220 -55.02 -6.62 35.43
CA TRP D 220 -55.51 -5.55 36.30
C TRP D 220 -56.31 -4.45 35.55
N PHE D 221 -55.90 -4.22 34.30
CA PHE D 221 -56.50 -3.23 33.41
C PHE D 221 -57.83 -3.70 32.82
N VAL D 222 -58.26 -4.91 33.10
CA VAL D 222 -59.52 -5.33 32.42
C VAL D 222 -60.69 -4.91 33.28
N GLN D 223 -61.58 -4.11 32.74
CA GLN D 223 -62.71 -3.66 33.52
C GLN D 223 -63.99 -4.01 32.82
N ASN D 224 -65.05 -3.31 33.15
CA ASN D 224 -66.35 -3.66 32.57
C ASN D 224 -66.86 -2.71 31.51
N ASP D 225 -66.03 -1.75 31.14
CA ASP D 225 -66.37 -0.91 30.01
C ASP D 225 -65.99 -1.61 28.72
N VAL D 226 -66.65 -1.20 27.67
CA VAL D 226 -66.54 -1.84 26.41
C VAL D 226 -66.44 -0.75 25.36
N CYS D 227 -65.78 -1.03 24.26
CA CYS D 227 -65.71 -0.06 23.18
C CYS D 227 -65.75 -0.75 21.81
N SER D 228 -66.71 -0.36 20.96
CA SER D 228 -66.85 -0.97 19.65
C SER D 228 -65.68 -0.61 18.75
N THR D 229 -65.43 -1.46 17.78
CA THR D 229 -64.32 -1.23 16.91
C THR D 229 -64.67 0.03 16.08
N GLU D 230 -65.96 0.19 15.77
CA GLU D 230 -66.37 1.41 15.06
C GLU D 230 -65.99 2.70 15.84
N ASP D 231 -66.33 2.80 17.11
CA ASP D 231 -66.01 3.97 17.90
C ASP D 231 -64.53 4.15 18.21
N PHE D 232 -63.86 3.01 18.42
CA PHE D 232 -62.42 3.06 18.63
C PHE D 232 -61.77 3.65 17.40
N ASN D 233 -62.23 3.23 16.23
CA ASN D 233 -61.50 3.67 15.08
C ASN D 233 -61.51 5.16 14.86
N VAL D 234 -62.72 5.72 14.81
CA VAL D 234 -63.00 7.16 14.98
C VAL D 234 -62.03 7.83 15.95
N TRP D 235 -61.89 7.28 17.14
CA TRP D 235 -60.98 7.84 18.14
C TRP D 235 -59.50 7.73 17.77
N ALA D 236 -59.13 6.59 17.16
CA ALA D 236 -57.77 6.09 17.03
C ALA D 236 -56.92 7.01 16.16
N MET D 237 -57.40 7.21 14.94
CA MET D 237 -57.23 8.38 14.10
C MET D 237 -56.62 9.59 14.88
N ALA D 238 -57.51 10.34 15.56
CA ALA D 238 -57.14 11.47 16.40
C ALA D 238 -56.07 11.24 17.48
N ASN D 239 -55.83 9.99 17.93
CA ASN D 239 -54.85 9.74 19.04
C ASN D 239 -53.54 8.94 18.82
N GLY D 240 -53.21 8.69 17.55
CA GLY D 240 -51.95 8.00 17.21
C GLY D 240 -52.00 6.50 17.21
N PHE D 241 -53.20 5.95 16.99
CA PHE D 241 -53.41 4.53 16.91
C PHE D 241 -53.87 4.22 15.54
N SER D 242 -53.34 3.14 14.98
CA SER D 242 -53.81 2.62 13.71
C SER D 242 -55.22 2.06 13.82
N GLN D 243 -55.93 1.99 12.69
CA GLN D 243 -57.30 1.42 12.61
C GLN D 243 -57.33 -0.03 13.04
N VAL D 244 -58.39 -0.46 13.73
CA VAL D 244 -58.50 -1.88 14.01
C VAL D 244 -59.24 -2.52 12.87
N LYS D 245 -58.75 -3.69 12.45
CA LYS D 245 -59.37 -4.52 11.43
C LYS D 245 -59.68 -5.91 11.97
N ALA D 246 -60.73 -6.54 11.47
CA ALA D 246 -61.07 -7.92 11.87
C ALA D 246 -59.82 -8.78 11.81
N ASP D 247 -59.69 -9.68 12.78
CA ASP D 247 -58.43 -10.42 12.95
C ASP D 247 -58.74 -11.75 13.62
N LEU D 248 -58.62 -12.84 12.86
CA LEU D 248 -58.96 -14.18 13.36
C LEU D 248 -58.12 -14.65 14.52
N VAL D 249 -56.85 -14.29 14.56
CA VAL D 249 -56.06 -14.66 15.74
C VAL D 249 -56.58 -14.00 17.05
N LEU D 250 -56.91 -12.71 17.00
CA LEU D 250 -57.52 -12.05 18.17
C LEU D 250 -58.81 -12.74 18.54
N ASP D 251 -59.60 -13.11 17.53
CA ASP D 251 -60.85 -13.86 17.79
C ASP D 251 -60.54 -15.12 18.57
N ALA D 252 -59.45 -15.78 18.16
CA ALA D 252 -58.99 -16.99 18.82
C ALA D 252 -58.44 -16.67 20.19
N LEU D 253 -57.69 -15.59 20.33
CA LEU D 253 -57.34 -15.12 21.69
C LEU D 253 -58.55 -14.72 22.59
N ALA D 254 -59.58 -14.12 22.01
CA ALA D 254 -60.78 -13.81 22.78
C ALA D 254 -61.44 -15.13 23.26
N SER D 255 -61.45 -16.13 22.38
CA SER D 255 -61.91 -17.46 22.79
C SER D 255 -61.07 -18.01 23.94
N MET D 256 -59.75 -18.10 23.77
CA MET D 256 -58.91 -18.68 24.86
C MET D 256 -59.21 -18.06 26.20
N THR D 257 -59.29 -16.73 26.27
CA THR D 257 -59.25 -16.02 27.55
C THR D 257 -60.63 -15.61 28.10
N GLY D 258 -61.66 -15.56 27.25
CA GLY D 258 -62.96 -15.00 27.67
C GLY D 258 -63.10 -13.47 27.50
N VAL D 259 -62.01 -12.79 27.13
CA VAL D 259 -62.01 -11.36 27.22
C VAL D 259 -62.16 -10.83 25.81
N SER D 260 -63.25 -10.14 25.57
CA SER D 260 -63.57 -9.77 24.19
C SER D 260 -62.62 -8.73 23.72
N ILE D 261 -62.54 -8.59 22.42
CA ILE D 261 -61.79 -7.51 21.83
C ILE D 261 -62.30 -6.15 22.39
N GLU D 262 -63.62 -5.98 22.43
CA GLU D 262 -64.20 -4.69 22.81
C GLU D 262 -63.75 -4.26 24.20
N THR D 263 -63.69 -5.20 25.13
CA THR D 263 -63.14 -4.95 26.47
C THR D 263 -61.73 -4.35 26.39
N LEU D 264 -60.94 -4.77 25.39
CA LEU D 264 -59.54 -4.34 25.32
C LEU D 264 -59.38 -2.98 24.67
N LEU D 265 -60.30 -2.64 23.78
CA LEU D 265 -60.34 -1.33 23.20
C LEU D 265 -60.62 -0.27 24.32
N ALA D 266 -61.52 -0.63 25.25
CA ALA D 266 -61.79 0.25 26.37
C ALA D 266 -60.52 0.41 27.19
N ALA D 267 -59.88 -0.71 27.56
CA ALA D 267 -58.64 -0.61 28.33
C ALA D 267 -57.63 0.27 27.61
N ILE D 268 -57.52 0.11 26.30
CA ILE D 268 -56.60 0.95 25.59
C ILE D 268 -56.94 2.47 25.77
N LYS D 269 -58.20 2.87 25.60
CA LYS D 269 -58.57 4.29 25.76
C LYS D 269 -58.23 4.79 27.16
N ARG D 270 -58.58 4.05 28.19
CA ARG D 270 -58.09 4.37 29.54
C ARG D 270 -56.55 4.48 29.63
N LEU D 271 -55.85 3.38 29.34
CA LEU D 271 -54.41 3.30 29.49
C LEU D 271 -53.65 4.39 28.78
N TYR D 272 -54.22 4.87 27.69
CA TYR D 272 -53.68 5.98 26.94
C TYR D 272 -53.50 7.21 27.81
N MET D 273 -54.23 7.27 28.93
CA MET D 273 -54.02 8.40 29.84
C MET D 273 -52.80 8.25 30.76
N GLY D 274 -52.00 7.19 30.52
CA GLY D 274 -50.86 6.78 31.37
C GLY D 274 -51.18 5.52 32.17
N PHE D 275 -50.14 4.89 32.75
CA PHE D 275 -50.29 3.64 33.52
C PHE D 275 -50.23 3.89 35.04
N GLN D 276 -49.81 5.09 35.47
CA GLN D 276 -49.57 5.41 36.89
C GLN D 276 -48.47 4.54 37.51
N GLY D 277 -47.39 4.38 36.75
CA GLY D 277 -46.36 3.41 37.10
C GLY D 277 -46.82 2.01 37.54
N ARG D 278 -48.08 1.64 37.29
CA ARG D 278 -48.41 0.21 37.29
C ARG D 278 -47.66 -0.29 36.06
N GLN D 279 -47.15 -1.51 36.14
CA GLN D 279 -46.54 -2.09 34.97
C GLN D 279 -47.47 -3.15 34.30
N ILE D 280 -47.34 -3.34 32.99
CA ILE D 280 -47.91 -4.54 32.33
C ILE D 280 -46.78 -5.29 31.65
N LEU D 281 -46.53 -6.52 32.06
CA LEU D 281 -45.42 -7.36 31.55
C LEU D 281 -44.12 -6.61 31.66
N GLY D 282 -43.87 -6.11 32.88
CA GLY D 282 -42.69 -5.31 33.22
C GLY D 282 -42.47 -4.08 32.37
N SER D 283 -43.54 -3.46 31.90
CA SER D 283 -43.43 -2.37 30.94
C SER D 283 -44.37 -1.18 31.30
N CYS D 284 -44.01 0.02 30.86
CA CYS D 284 -44.78 1.21 31.18
C CYS D 284 -45.43 1.88 29.98
N THR D 285 -45.15 1.38 28.78
CA THR D 285 -45.70 1.95 27.56
C THR D 285 -46.48 0.82 26.94
N PHE D 286 -47.31 1.15 25.98
CA PHE D 286 -47.80 0.19 25.04
C PHE D 286 -46.66 -0.51 24.30
N GLU D 287 -46.81 -1.83 24.17
CA GLU D 287 -45.90 -2.69 23.46
C GLU D 287 -46.66 -3.07 22.24
N ASP D 288 -46.10 -2.77 21.07
CA ASP D 288 -46.76 -3.14 19.83
C ASP D 288 -45.89 -3.88 18.83
N GLU D 289 -44.80 -4.46 19.34
CA GLU D 289 -43.88 -5.15 18.43
C GLU D 289 -44.25 -6.64 18.12
N LEU D 290 -45.18 -7.19 18.91
CA LEU D 290 -45.67 -8.57 18.70
C LEU D 290 -46.99 -8.56 17.97
N ALA D 291 -47.07 -9.37 16.93
CA ALA D 291 -48.31 -9.50 16.22
C ALA D 291 -49.17 -10.57 16.92
N PRO D 292 -50.50 -10.54 16.66
CA PRO D 292 -51.36 -11.64 17.12
C PRO D 292 -50.75 -13.05 16.90
N SER D 293 -50.30 -13.34 15.68
CA SER D 293 -49.83 -14.70 15.42
C SER D 293 -48.59 -14.97 16.24
N ASP D 294 -47.80 -13.94 16.59
CA ASP D 294 -46.63 -14.17 17.46
C ASP D 294 -47.09 -14.67 18.86
N VAL D 295 -47.97 -13.89 19.51
CA VAL D 295 -48.44 -14.17 20.89
C VAL D 295 -49.08 -15.55 20.86
N TYR D 296 -49.87 -15.81 19.82
CA TYR D 296 -50.58 -17.05 19.64
C TYR D 296 -49.65 -18.25 19.51
N GLN D 297 -48.75 -18.21 18.53
CA GLN D 297 -47.77 -19.26 18.32
C GLN D 297 -47.18 -19.63 19.68
N GLN D 298 -46.88 -18.62 20.50
CA GLN D 298 -46.08 -18.78 21.73
C GLN D 298 -46.87 -19.25 22.91
N LEU D 299 -48.14 -18.88 22.94
CA LEU D 299 -48.89 -19.17 24.14
C LEU D 299 -49.79 -20.38 24.01
N ALA D 300 -50.32 -20.59 22.82
CA ALA D 300 -51.06 -21.80 22.48
C ALA D 300 -50.23 -22.85 21.69
N GLY D 301 -49.32 -22.47 20.79
CA GLY D 301 -48.65 -23.42 19.87
C GLY D 301 -48.89 -23.16 18.37
N ALA E 2 5.59 20.95 26.47
CA ALA E 2 4.42 21.14 25.66
C ALA E 2 3.55 19.94 25.93
N VAL E 3 2.23 20.08 25.84
CA VAL E 3 1.26 19.02 26.07
C VAL E 3 0.43 18.82 24.84
N LEU E 4 0.36 17.54 24.49
CA LEU E 4 -0.42 17.04 23.37
C LEU E 4 -1.85 17.08 23.83
N ALA F 2 13.76 -25.15 11.25
CA ALA F 2 14.62 -24.99 10.10
C ALA F 2 14.14 -26.05 9.14
N VAL F 3 14.25 -25.80 7.83
CA VAL F 3 13.84 -26.74 6.79
C VAL F 3 15.01 -27.15 5.94
N LEU F 4 15.09 -28.46 5.75
CA LEU F 4 16.11 -29.08 4.92
C LEU F 4 15.65 -28.91 3.50
N ALA G 2 27.39 10.86 -25.98
CA ALA G 2 27.20 9.50 -25.49
C ALA G 2 28.55 8.83 -25.79
N VAL G 3 28.79 7.64 -25.31
CA VAL G 3 30.08 7.01 -25.59
C VAL G 3 29.82 5.62 -26.15
N LEU G 4 30.41 5.28 -27.31
CA LEU G 4 30.26 3.99 -27.95
C LEU G 4 31.03 2.98 -27.16
N ALA H 2 -29.85 10.49 4.50
CA ALA H 2 -30.06 9.11 4.92
C ALA H 2 -28.76 8.39 4.58
N VAL H 3 -28.56 7.18 5.07
CA VAL H 3 -27.30 6.53 4.76
C VAL H 3 -27.52 5.18 4.15
N LEU H 4 -26.92 4.95 2.99
CA LEU H 4 -27.06 3.64 2.41
C LEU H 4 -26.19 2.71 3.22
#